data_3R11
#
_entry.id   3R11
#
_cell.length_a   120.930
_cell.length_b   120.930
_cell.length_c   149.300
_cell.angle_alpha   90.000
_cell.angle_beta   90.000
_cell.angle_gamma   90.000
#
_symmetry.space_group_name_H-M   'P 41 21 2'
#
loop_
_entity.id
_entity.type
_entity.pdbx_description
1 polymer 'Enzyme of enolase superfamily'
2 non-polymer 'SULFATE ION'
3 non-polymer 'MAGNESIUM ION'
4 non-polymer GLYCEROL
5 non-polymer 'FUMARIC ACID'
6 water water
#
_entity_poly.entity_id   1
_entity_poly.type   'polypeptide(L)'
_entity_poly.pdbx_seq_one_letter_code
;(MSE)VSKIIDIKTSIIKIPLKRTFITAVRSTNHIDSLAVELTLDNGVKGYGVAPATTAITGDTLQG(MSE)QYIIREIF
APVILGSDLSDYKQTLELAFKKV(MSE)FNSAAK(MSE)AIDLAYHDLLAKEQDISVAKLLGAKANSIVTDVSISCGNVA
ETIQNIQNGVEANFTAIKVKTGADFNRDIQLLKALDNEFSKNIKFRFDANQGWNLAQTKQFIEEINKYSLNVEIIEQPVK
YYDIKA(MSE)AEITKFSNIPVVADESVFDAKDAERVIDEQACN(MSE)INIKLAKTGGILEAQKIKKLADSAGISC
(MSE)VGC(MSE)(MSE)ESPAGILATASFALAEDITVADLDPLDWVAKDLYSDYITFNEPNIILKDNLKGFGFNLAENL
YFQSHHHHHHWSHPQFEK
;
_entity_poly.pdbx_strand_id   A,B
#
# COMPACT_ATOMS: atom_id res chain seq x y z
N VAL A 2 4.05 -33.00 -16.41
CA VAL A 2 4.49 -31.60 -16.39
C VAL A 2 4.93 -31.24 -14.98
N SER A 3 5.72 -30.18 -14.85
CA SER A 3 6.29 -29.81 -13.56
C SER A 3 5.28 -29.05 -12.69
N LYS A 4 5.21 -29.42 -11.42
CA LYS A 4 4.32 -28.78 -10.44
C LYS A 4 5.12 -28.26 -9.27
N ILE A 5 4.73 -27.11 -8.70
CA ILE A 5 5.41 -26.62 -7.50
C ILE A 5 4.85 -27.37 -6.28
N ILE A 6 5.69 -28.12 -5.61
CA ILE A 6 5.27 -28.91 -4.45
C ILE A 6 5.77 -28.46 -3.07
N ASP A 7 6.60 -27.42 -3.03
CA ASP A 7 7.09 -26.93 -1.74
C ASP A 7 7.45 -25.44 -1.79
N ILE A 8 7.24 -24.74 -0.68
CA ILE A 8 7.63 -23.34 -0.55
C ILE A 8 8.27 -23.12 0.81
N LYS A 9 9.46 -22.53 0.81
CA LYS A 9 10.14 -22.17 2.05
C LYS A 9 10.51 -20.70 2.00
N THR A 10 10.61 -20.07 3.17
CA THR A 10 11.09 -18.69 3.20
C THR A 10 12.22 -18.58 4.20
N SER A 11 13.08 -17.59 4.00
CA SER A 11 14.18 -17.37 4.92
C SER A 11 14.51 -15.88 5.00
N ILE A 12 14.77 -15.40 6.21
CA ILE A 12 15.20 -14.02 6.39
C ILE A 12 16.71 -13.94 6.25
N ILE A 13 17.17 -13.00 5.42
CA ILE A 13 18.60 -12.83 5.18
C ILE A 13 19.00 -11.41 5.50
N LYS A 14 19.95 -11.25 6.42
CA LYS A 14 20.46 -9.94 6.78
C LYS A 14 21.93 -9.81 6.36
N ILE A 15 22.19 -8.78 5.56
CA ILE A 15 23.50 -8.53 4.99
C ILE A 15 24.10 -7.28 5.59
N PRO A 16 25.32 -7.38 6.14
CA PRO A 16 25.98 -6.18 6.66
C PRO A 16 26.42 -5.20 5.56
N LEU A 17 26.28 -3.92 5.84
CA LEU A 17 26.73 -2.86 4.94
C LEU A 17 28.13 -2.41 5.32
N LYS A 18 28.93 -2.02 4.34
CA LYS A 18 30.29 -1.53 4.57
C LYS A 18 30.31 -0.18 5.28
N ARG A 19 29.20 0.54 5.22
CA ARG A 19 29.08 1.84 5.87
C ARG A 19 27.61 2.13 6.19
N THR A 20 27.36 3.10 7.05
CA THR A 20 26.00 3.43 7.47
C THR A 20 25.18 4.04 6.33
N PHE A 21 24.00 3.49 6.10
CA PHE A 21 23.11 3.98 5.07
C PHE A 21 22.00 4.79 5.73
N ILE A 22 21.94 6.08 5.41
CA ILE A 22 20.97 6.98 6.04
C ILE A 22 19.98 7.54 5.03
N THR A 23 18.69 7.47 5.35
CA THR A 23 17.65 8.03 4.50
C THR A 23 16.92 9.14 5.24
N ALA A 24 15.86 9.68 4.63
CA ALA A 24 15.06 10.69 5.29
C ALA A 24 14.46 10.20 6.60
N VAL A 25 14.03 8.94 6.64
CA VAL A 25 13.39 8.38 7.84
C VAL A 25 14.16 7.39 8.70
N ARG A 26 15.36 6.99 8.27
CA ARG A 26 15.98 5.82 8.89
C ARG A 26 17.49 5.78 8.71
N SER A 27 18.17 5.05 9.60
CA SER A 27 19.60 4.84 9.53
C SER A 27 19.88 3.36 9.81
N THR A 28 20.74 2.73 9.01
CA THR A 28 20.94 1.30 9.18
C THR A 28 22.32 0.83 8.77
N ASN A 29 22.79 -0.23 9.42
CA ASN A 29 24.01 -0.93 9.03
C ASN A 29 23.86 -2.24 8.28
N HIS A 30 22.62 -2.60 7.93
CA HIS A 30 22.41 -3.87 7.24
C HIS A 30 21.22 -3.81 6.28
N ILE A 31 21.16 -4.78 5.39
CA ILE A 31 20.02 -4.95 4.51
C ILE A 31 19.12 -6.04 5.05
N ASP A 32 17.83 -5.77 5.16
CA ASP A 32 16.85 -6.80 5.50
C ASP A 32 16.26 -7.37 4.22
N SER A 33 16.33 -8.68 4.04
CA SER A 33 15.72 -9.33 2.88
C SER A 33 14.95 -10.56 3.28
N LEU A 34 13.89 -10.87 2.52
CA LEU A 34 13.25 -12.17 2.60
C LEU A 34 13.54 -12.96 1.33
N ALA A 35 13.94 -14.20 1.49
CA ALA A 35 14.17 -15.07 0.34
C ALA A 35 13.08 -16.12 0.30
N VAL A 36 12.68 -16.52 -0.88
CA VAL A 36 11.72 -17.60 -1.01
C VAL A 36 12.31 -18.67 -1.91
N GLU A 37 12.06 -19.92 -1.55
CA GLU A 37 12.48 -21.08 -2.36
C GLU A 37 11.24 -21.85 -2.82
N LEU A 38 11.11 -22.05 -4.13
CA LEU A 38 10.05 -22.89 -4.68
C LEU A 38 10.68 -24.18 -5.16
N THR A 39 10.07 -25.32 -4.85
CA THR A 39 10.60 -26.61 -5.28
C THR A 39 9.61 -27.31 -6.21
N LEU A 40 10.08 -27.69 -7.39
CA LEU A 40 9.29 -28.48 -8.33
C LEU A 40 9.27 -29.95 -7.94
N ASP A 41 8.32 -30.70 -8.50
CA ASP A 41 8.25 -32.13 -8.21
C ASP A 41 9.30 -32.95 -9.00
N ASN A 42 10.11 -32.27 -9.82
CA ASN A 42 11.32 -32.90 -10.37
C ASN A 42 12.60 -32.57 -9.61
N GLY A 43 12.47 -31.84 -8.50
CA GLY A 43 13.61 -31.53 -7.66
C GLY A 43 14.27 -30.19 -7.90
N VAL A 44 13.97 -29.54 -9.01
CA VAL A 44 14.56 -28.22 -9.31
C VAL A 44 14.06 -27.16 -8.32
N LYS A 45 14.97 -26.35 -7.80
CA LYS A 45 14.61 -25.29 -6.84
C LYS A 45 14.86 -23.90 -7.41
N GLY A 46 13.85 -23.01 -7.33
CA GLY A 46 14.02 -21.60 -7.67
C GLY A 46 14.03 -20.63 -6.51
N TYR A 47 14.70 -19.50 -6.68
CA TYR A 47 14.86 -18.56 -5.57
C TYR A 47 14.54 -17.13 -5.95
N GLY A 48 13.96 -16.38 -5.01
CA GLY A 48 13.80 -14.96 -5.23
C GLY A 48 14.04 -14.27 -3.90
N VAL A 49 14.49 -13.03 -3.98
CA VAL A 49 14.93 -12.29 -2.81
C VAL A 49 14.46 -10.86 -2.95
N ALA A 50 13.81 -10.32 -1.93
CA ALA A 50 13.24 -8.96 -1.97
C ALA A 50 13.52 -8.22 -0.66
N PRO A 51 13.70 -6.89 -0.72
CA PRO A 51 13.97 -6.05 0.45
C PRO A 51 12.68 -5.72 1.20
N ALA A 52 12.80 -5.39 2.48
CA ALA A 52 11.62 -4.88 3.14
C ALA A 52 11.86 -3.41 3.38
N THR A 53 11.50 -2.56 2.43
CA THR A 53 11.78 -1.15 2.61
C THR A 53 10.43 -0.56 2.96
N THR A 54 10.20 -0.46 4.26
CA THR A 54 8.86 -0.21 4.76
C THR A 54 8.45 1.20 4.41
N ALA A 55 9.41 2.12 4.43
CA ALA A 55 9.12 3.53 4.18
C ALA A 55 8.69 3.78 2.74
N ILE A 56 9.06 2.88 1.84
CA ILE A 56 8.75 3.06 0.42
C ILE A 56 7.61 2.16 -0.06
N THR A 57 7.78 0.86 0.08
CA THR A 57 6.75 -0.09 -0.39
C THR A 57 5.79 -0.59 0.70
N GLY A 58 6.08 -0.25 1.96
CA GLY A 58 5.25 -0.72 3.08
C GLY A 58 5.52 -2.16 3.49
N ASP A 59 6.43 -2.83 2.80
CA ASP A 59 6.74 -4.21 3.13
C ASP A 59 7.49 -4.34 4.44
N THR A 60 7.17 -5.39 5.19
CA THR A 60 7.97 -5.81 6.34
C THR A 60 8.37 -7.28 6.15
N LEU A 61 9.46 -7.70 6.77
CA LEU A 61 9.83 -9.12 6.69
C LEU A 61 8.71 -9.99 7.23
N GLN A 62 8.14 -9.57 8.34
CA GLN A 62 7.13 -10.36 9.02
C GLN A 62 5.85 -10.46 8.19
N GLY A 63 5.43 -9.35 7.61
CA GLY A 63 4.28 -9.36 6.69
C GLY A 63 4.54 -10.22 5.46
N GLN A 65 6.62 -12.72 5.06
CA GLN A 65 6.66 -14.13 5.42
C GLN A 65 5.25 -14.71 5.58
N TYR A 66 4.39 -14.02 6.32
CA TYR A 66 3.01 -14.47 6.48
C TYR A 66 2.25 -14.54 5.14
N ILE A 67 2.38 -13.49 4.34
CA ILE A 67 1.68 -13.45 3.06
C ILE A 67 2.09 -14.64 2.18
N ILE A 68 3.39 -14.88 2.08
CA ILE A 68 3.86 -15.99 1.24
C ILE A 68 3.42 -17.34 1.79
N ARG A 69 3.62 -17.56 3.09
CA ARG A 69 3.26 -18.86 3.68
C ARG A 69 1.76 -19.13 3.70
N GLU A 70 0.98 -18.16 4.14
CA GLU A 70 -0.45 -18.38 4.37
C GLU A 70 -1.43 -17.95 3.28
N ILE A 71 -1.01 -17.05 2.39
CA ILE A 71 -1.92 -16.53 1.36
C ILE A 71 -1.52 -17.02 -0.04
N PHE A 72 -0.28 -16.75 -0.44
CA PHE A 72 0.21 -17.21 -1.74
C PHE A 72 0.38 -18.74 -1.81
N ALA A 73 0.93 -19.34 -0.76
CA ALA A 73 1.28 -20.77 -0.85
C ALA A 73 0.12 -21.68 -1.22
N PRO A 74 -1.06 -21.48 -0.61
CA PRO A 74 -2.18 -22.36 -0.98
C PRO A 74 -2.58 -22.26 -2.45
N VAL A 75 -2.35 -21.11 -3.08
CA VAL A 75 -2.66 -20.94 -4.49
C VAL A 75 -1.58 -21.61 -5.35
N ILE A 76 -0.34 -21.46 -4.93
CA ILE A 76 0.81 -21.97 -5.69
C ILE A 76 1.02 -23.48 -5.58
N LEU A 77 0.91 -24.02 -4.37
CA LEU A 77 1.18 -25.44 -4.15
C LEU A 77 0.27 -26.32 -4.99
N GLY A 78 0.85 -27.28 -5.70
CA GLY A 78 0.09 -28.18 -6.54
C GLY A 78 -0.16 -27.68 -7.95
N SER A 79 0.16 -26.40 -8.20
CA SER A 79 -0.07 -25.82 -9.52
C SER A 79 1.03 -26.18 -10.52
N ASP A 80 0.71 -26.15 -11.82
CA ASP A 80 1.68 -26.43 -12.87
C ASP A 80 2.55 -25.18 -13.08
N LEU A 81 3.86 -25.39 -13.22
CA LEU A 81 4.77 -24.29 -13.52
C LEU A 81 4.33 -23.54 -14.77
N SER A 82 3.88 -24.27 -15.79
CA SER A 82 3.50 -23.64 -17.06
C SER A 82 2.32 -22.67 -16.94
N ASP A 83 1.52 -22.81 -15.88
CA ASP A 83 0.42 -21.89 -15.62
C ASP A 83 0.83 -20.64 -14.82
N TYR A 84 2.13 -20.38 -14.68
CA TYR A 84 2.60 -19.33 -13.76
C TYR A 84 1.87 -17.99 -13.86
N LYS A 85 1.61 -17.51 -15.08
CA LYS A 85 0.97 -16.22 -15.26
C LYS A 85 -0.39 -16.20 -14.59
N GLN A 86 -1.15 -17.29 -14.75
CA GLN A 86 -2.45 -17.40 -14.12
C GLN A 86 -2.34 -17.59 -12.62
N THR A 87 -1.40 -18.42 -12.19
CA THR A 87 -1.24 -18.69 -10.76
C THR A 87 -0.88 -17.39 -10.03
N LEU A 88 0.00 -16.60 -10.64
CA LEU A 88 0.43 -15.36 -10.00
C LEU A 88 -0.71 -14.34 -9.96
N GLU A 89 -1.51 -14.28 -11.03
CA GLU A 89 -2.64 -13.35 -11.01
C GLU A 89 -3.62 -13.73 -9.91
N LEU A 90 -3.94 -15.02 -9.82
CA LEU A 90 -4.81 -15.51 -8.74
C LEU A 90 -4.24 -15.22 -7.35
N ALA A 91 -2.94 -15.47 -7.18
CA ALA A 91 -2.33 -15.25 -5.87
C ALA A 91 -2.27 -13.77 -5.49
N PHE A 92 -1.85 -12.93 -6.43
CA PHE A 92 -1.62 -11.52 -6.11
C PHE A 92 -2.90 -10.73 -5.88
N LYS A 93 -4.02 -11.19 -6.45
CA LYS A 93 -5.28 -10.49 -6.26
C LYS A 93 -5.81 -10.65 -4.83
N LYS A 94 -5.22 -11.55 -4.06
CA LYS A 94 -5.61 -11.73 -2.67
C LYS A 94 -4.90 -10.76 -1.71
N VAL A 95 -4.00 -9.93 -2.26
CA VAL A 95 -3.19 -9.06 -1.41
C VAL A 95 -3.06 -7.66 -2.01
N PHE A 97 -1.17 -4.05 -2.11
CA PHE A 97 0.18 -3.59 -1.81
C PHE A 97 1.14 -4.76 -1.54
N ASN A 98 2.04 -4.60 -0.57
CA ASN A 98 3.07 -5.61 -0.31
C ASN A 98 3.77 -6.05 -1.59
N SER A 99 4.18 -5.06 -2.40
CA SER A 99 4.80 -5.37 -3.68
C SER A 99 6.08 -6.15 -3.53
N ALA A 100 6.83 -5.94 -2.44
CA ALA A 100 8.09 -6.69 -2.29
C ALA A 100 7.86 -8.19 -2.07
N ALA A 101 6.79 -8.54 -1.34
CA ALA A 101 6.43 -9.94 -1.18
C ALA A 101 6.15 -10.57 -2.55
N LYS A 102 5.46 -9.82 -3.40
CA LYS A 102 5.16 -10.31 -4.74
C LYS A 102 6.43 -10.47 -5.56
N ALA A 104 9.40 -11.29 -4.54
CA ALA A 104 10.12 -12.51 -4.17
C ALA A 104 9.54 -13.72 -4.88
N ILE A 105 8.21 -13.82 -4.93
CA ILE A 105 7.53 -14.96 -5.57
C ILE A 105 7.77 -14.97 -7.07
N ASP A 106 7.60 -13.81 -7.70
CA ASP A 106 7.79 -13.66 -9.15
C ASP A 106 9.22 -14.04 -9.58
N LEU A 107 10.21 -13.55 -8.86
CA LEU A 107 11.60 -13.91 -9.13
C LEU A 107 11.84 -15.42 -8.99
N ALA A 108 11.32 -16.04 -7.93
CA ALA A 108 11.52 -17.47 -7.74
C ALA A 108 10.94 -18.22 -8.93
N TYR A 109 9.78 -17.79 -9.41
CA TYR A 109 9.17 -18.39 -10.60
C TYR A 109 10.06 -18.26 -11.84
N HIS A 110 10.64 -17.07 -12.04
CA HIS A 110 11.51 -16.90 -13.20
C HIS A 110 12.76 -17.77 -13.08
N ASP A 111 13.26 -17.90 -11.87
CA ASP A 111 14.41 -18.77 -11.63
C ASP A 111 14.08 -20.21 -12.05
N LEU A 112 12.89 -20.67 -11.67
CA LEU A 112 12.40 -22.00 -12.09
C LEU A 112 12.27 -22.13 -13.61
N LEU A 113 11.64 -21.15 -14.24
CA LEU A 113 11.43 -21.21 -15.69
C LEU A 113 12.76 -21.30 -16.42
N ALA A 114 13.75 -20.51 -15.99
CA ALA A 114 15.07 -20.52 -16.62
C ALA A 114 15.79 -21.85 -16.39
N LYS A 115 15.74 -22.34 -15.16
CA LYS A 115 16.42 -23.59 -14.84
C LYS A 115 15.82 -24.77 -15.59
N GLU A 116 14.51 -24.75 -15.80
CA GLU A 116 13.85 -25.80 -16.59
C GLU A 116 14.35 -25.83 -18.03
N GLN A 117 14.85 -24.70 -18.51
CA GLN A 117 15.43 -24.64 -19.85
C GLN A 117 16.95 -24.68 -19.84
N ASP A 118 17.53 -24.84 -18.65
CA ASP A 118 18.97 -24.88 -18.49
C ASP A 118 19.66 -23.63 -19.02
N ILE A 119 19.04 -22.47 -18.78
CA ILE A 119 19.64 -21.18 -19.15
C ILE A 119 19.60 -20.19 -17.99
N SER A 120 20.19 -19.02 -18.18
CA SER A 120 20.08 -17.96 -17.18
C SER A 120 18.73 -17.26 -17.28
N VAL A 121 18.32 -16.58 -16.23
CA VAL A 121 17.10 -15.78 -16.31
C VAL A 121 17.24 -14.68 -17.37
N ALA A 122 18.39 -14.02 -17.41
CA ALA A 122 18.63 -13.00 -18.43
C ALA A 122 18.39 -13.55 -19.83
N LYS A 123 18.94 -14.74 -20.09
CA LYS A 123 18.74 -15.39 -21.38
C LYS A 123 17.27 -15.74 -21.58
N LEU A 124 16.64 -16.30 -20.55
CA LEU A 124 15.20 -16.57 -20.60
C LEU A 124 14.40 -15.35 -21.05
N LEU A 125 14.74 -14.19 -20.49
CA LEU A 125 14.00 -12.98 -20.79
C LEU A 125 14.34 -12.36 -22.14
N GLY A 126 15.35 -12.90 -22.81
CA GLY A 126 15.73 -12.41 -24.13
C GLY A 126 17.00 -11.60 -24.20
N ALA A 127 17.71 -11.44 -23.09
CA ALA A 127 18.95 -10.68 -23.10
C ALA A 127 20.07 -11.41 -23.84
N LYS A 128 20.92 -10.63 -24.51
CA LYS A 128 22.12 -11.10 -25.19
C LYS A 128 23.35 -10.50 -24.51
N ALA A 129 23.34 -9.18 -24.39
CA ALA A 129 24.41 -8.48 -23.67
C ALA A 129 24.45 -8.88 -22.19
N ASN A 130 25.65 -8.85 -21.62
CA ASN A 130 25.87 -9.18 -20.20
C ASN A 130 26.20 -8.04 -19.23
N SER A 131 26.21 -6.80 -19.71
CA SER A 131 26.84 -5.74 -18.93
C SER A 131 26.02 -4.44 -18.90
N ILE A 132 25.94 -3.83 -17.73
CA ILE A 132 25.18 -2.59 -17.58
C ILE A 132 25.93 -1.61 -16.70
N VAL A 133 25.89 -0.33 -17.09
CA VAL A 133 26.60 0.71 -16.39
C VAL A 133 25.70 1.28 -15.30
N THR A 134 26.23 1.45 -14.10
CA THR A 134 25.50 2.11 -13.02
C THR A 134 26.12 3.44 -12.64
N ASP A 135 25.31 4.36 -12.13
CA ASP A 135 25.86 5.55 -11.49
C ASP A 135 26.33 5.17 -10.09
N VAL A 136 26.90 6.14 -9.39
CA VAL A 136 27.18 5.96 -7.96
C VAL A 136 26.26 6.94 -7.22
N SER A 137 25.74 6.51 -6.08
CA SER A 137 24.75 7.31 -5.35
C SER A 137 25.41 8.12 -4.22
N ILE A 138 25.17 9.42 -4.22
CA ILE A 138 25.75 10.30 -3.21
C ILE A 138 24.69 10.79 -2.21
N SER A 139 24.89 10.46 -0.93
CA SER A 139 23.93 10.83 0.11
C SER A 139 23.86 12.34 0.32
N CYS A 140 22.78 12.80 0.95
CA CYS A 140 22.63 14.20 1.30
C CYS A 140 23.70 14.59 2.31
N GLY A 141 24.17 15.82 2.23
CA GLY A 141 25.17 16.32 3.17
C GLY A 141 25.44 17.77 2.89
N ASN A 142 26.38 18.37 3.62
CA ASN A 142 26.78 19.74 3.32
C ASN A 142 27.55 19.81 2.01
N VAL A 143 27.63 21.00 1.43
CA VAL A 143 28.25 21.14 0.12
C VAL A 143 29.65 20.55 0.07
N ALA A 144 30.46 20.87 1.08
CA ALA A 144 31.86 20.42 1.11
C ALA A 144 32.00 18.91 1.02
N GLU A 145 31.38 18.19 1.94
CA GLU A 145 31.51 16.73 1.99
C GLU A 145 30.87 16.07 0.76
N THR A 146 29.88 16.73 0.18
CA THR A 146 29.22 16.22 -1.01
C THR A 146 30.16 16.29 -2.21
N ILE A 147 30.84 17.43 -2.34
CA ILE A 147 31.84 17.60 -3.38
C ILE A 147 32.91 16.54 -3.24
N GLN A 148 33.31 16.26 -2.01
CA GLN A 148 34.32 15.24 -1.75
C GLN A 148 33.82 13.85 -2.12
N ASN A 149 32.60 13.53 -1.69
CA ASN A 149 32.00 12.24 -2.01
C ASN A 149 31.95 12.00 -3.51
N ILE A 150 31.56 13.04 -4.23
CA ILE A 150 31.52 12.99 -5.69
C ILE A 150 32.91 12.74 -6.27
N GLN A 151 33.91 13.43 -5.71
CA GLN A 151 35.29 13.24 -6.15
C GLN A 151 35.76 11.80 -5.95
N ASN A 152 35.42 11.21 -4.81
CA ASN A 152 35.77 9.81 -4.56
C ASN A 152 35.14 8.91 -5.61
N GLY A 153 33.92 9.24 -6.02
CA GLY A 153 33.22 8.48 -7.03
C GLY A 153 33.89 8.57 -8.39
N VAL A 154 34.30 9.77 -8.77
CA VAL A 154 35.01 9.95 -10.03
C VAL A 154 36.34 9.20 -10.01
N GLU A 155 37.04 9.28 -8.90
CA GLU A 155 38.33 8.60 -8.75
C GLU A 155 38.14 7.09 -8.76
N ALA A 156 36.91 6.66 -8.46
CA ALA A 156 36.57 5.24 -8.47
C ALA A 156 36.08 4.79 -9.84
N ASN A 157 36.16 5.69 -10.82
CA ASN A 157 35.82 5.38 -12.22
C ASN A 157 34.35 5.59 -12.65
N PHE A 158 33.48 6.02 -11.72
CA PHE A 158 32.11 6.36 -12.10
C PHE A 158 32.08 7.67 -12.90
N THR A 159 31.42 7.68 -14.05
CA THR A 159 31.13 8.96 -14.69
C THR A 159 29.70 9.47 -14.59
N ALA A 160 28.79 8.66 -14.05
CA ALA A 160 27.41 9.06 -13.82
C ALA A 160 27.21 9.14 -12.32
N ILE A 161 26.71 10.29 -11.86
CA ILE A 161 26.63 10.55 -10.44
C ILE A 161 25.20 10.84 -10.03
N LYS A 162 24.63 9.99 -9.18
CA LYS A 162 23.31 10.30 -8.65
C LYS A 162 23.47 11.14 -7.39
N VAL A 163 22.98 12.37 -7.45
CA VAL A 163 23.09 13.28 -6.33
C VAL A 163 21.73 13.45 -5.67
N LYS A 164 21.61 12.95 -4.44
CA LYS A 164 20.37 13.11 -3.70
C LYS A 164 20.20 14.54 -3.24
N THR A 165 18.98 15.06 -3.39
CA THR A 165 18.67 16.42 -3.01
C THR A 165 17.36 16.40 -2.23
N GLY A 166 16.82 17.59 -1.96
CA GLY A 166 15.47 17.70 -1.43
C GLY A 166 15.38 17.78 0.08
N ALA A 167 16.47 17.53 0.78
CA ALA A 167 16.47 17.68 2.23
C ALA A 167 16.64 19.14 2.65
N ASP A 168 17.62 19.81 2.06
CA ASP A 168 17.88 21.21 2.37
C ASP A 168 17.97 21.94 1.04
N PHE A 169 16.96 22.75 0.74
CA PHE A 169 16.85 23.33 -0.60
C PHE A 169 17.94 24.35 -0.87
N ASN A 170 18.27 25.15 0.15
CA ASN A 170 19.35 26.12 0.03
C ASN A 170 20.65 25.42 -0.31
N ARG A 171 20.94 24.34 0.40
CA ARG A 171 22.10 23.50 0.11
C ARG A 171 22.10 22.98 -1.33
N ASP A 172 20.94 22.51 -1.81
CA ASP A 172 20.83 22.00 -3.18
C ASP A 172 21.21 23.07 -4.20
N ILE A 173 20.74 24.30 -3.99
CA ILE A 173 21.03 25.40 -4.89
C ILE A 173 22.51 25.77 -4.89
N GLN A 174 23.07 25.92 -3.69
CA GLN A 174 24.48 26.27 -3.56
C GLN A 174 25.38 25.17 -4.09
N LEU A 175 24.92 23.93 -4.00
CA LEU A 175 25.70 22.80 -4.50
C LEU A 175 25.97 22.96 -5.99
N LEU A 176 25.00 23.49 -6.71
CA LEU A 176 25.14 23.65 -8.16
C LEU A 176 26.33 24.52 -8.53
N LYS A 177 26.57 25.58 -7.75
CA LYS A 177 27.71 26.45 -8.01
C LYS A 177 29.00 25.66 -7.81
N ALA A 178 29.07 24.92 -6.71
CA ALA A 178 30.25 24.13 -6.40
C ALA A 178 30.52 23.05 -7.43
N LEU A 179 29.45 22.44 -7.95
CA LEU A 179 29.59 21.42 -8.99
C LEU A 179 30.17 22.03 -10.25
N ASP A 180 29.63 23.19 -10.64
CA ASP A 180 30.04 23.85 -11.88
C ASP A 180 31.52 24.23 -11.85
N ASN A 181 32.04 24.49 -10.65
CA ASN A 181 33.45 24.84 -10.49
C ASN A 181 34.37 23.64 -10.52
N GLU A 182 33.95 22.56 -9.87
CA GLU A 182 34.84 21.41 -9.66
C GLU A 182 34.79 20.32 -10.73
N PHE A 183 33.78 20.34 -11.59
CA PHE A 183 33.59 19.25 -12.56
C PHE A 183 33.30 19.72 -13.98
N SER A 184 33.79 18.96 -14.94
CA SER A 184 33.54 19.23 -16.36
C SER A 184 32.37 18.41 -16.88
N LYS A 185 32.11 18.52 -18.17
CA LYS A 185 30.92 17.92 -18.76
C LYS A 185 31.07 16.44 -19.06
N ASN A 186 32.24 15.87 -18.77
CA ASN A 186 32.41 14.44 -18.92
C ASN A 186 31.78 13.69 -17.74
N ILE A 187 31.51 14.42 -16.66
CA ILE A 187 30.76 13.89 -15.53
C ILE A 187 29.29 14.27 -15.71
N LYS A 188 28.40 13.30 -15.64
CA LYS A 188 26.99 13.60 -15.82
C LYS A 188 26.15 13.35 -14.57
N PHE A 189 25.30 14.31 -14.25
CA PHE A 189 24.59 14.28 -12.99
C PHE A 189 23.13 13.87 -13.11
N ARG A 190 22.68 13.11 -12.12
CA ARG A 190 21.29 12.72 -12.01
C ARG A 190 20.84 13.14 -10.63
N PHE A 191 19.90 14.09 -10.57
CA PHE A 191 19.39 14.52 -9.26
C PHE A 191 18.13 13.75 -8.90
N ASP A 192 18.04 13.34 -7.64
CA ASP A 192 16.82 12.72 -7.13
C ASP A 192 16.45 13.43 -5.84
N ALA A 193 15.35 14.18 -5.87
CA ALA A 193 14.94 14.98 -4.73
C ALA A 193 14.10 14.15 -3.76
N ASN A 194 13.78 12.93 -4.14
CA ASN A 194 12.96 12.07 -3.29
C ASN A 194 11.76 12.83 -2.71
N GLN A 195 11.01 13.51 -3.58
CA GLN A 195 9.77 14.15 -3.18
C GLN A 195 9.92 15.42 -2.33
N GLY A 196 11.17 15.83 -2.06
CA GLY A 196 11.43 16.91 -1.12
C GLY A 196 11.20 18.36 -1.51
N TRP A 197 10.98 18.61 -2.80
CA TRP A 197 10.79 19.97 -3.29
C TRP A 197 9.32 20.25 -3.57
N ASN A 198 8.93 21.52 -3.46
CA ASN A 198 7.66 21.96 -4.01
C ASN A 198 7.82 22.38 -5.46
N LEU A 199 6.72 22.79 -6.07
CA LEU A 199 6.72 23.14 -7.49
C LEU A 199 7.66 24.31 -7.80
N ALA A 200 7.55 25.38 -7.02
CA ALA A 200 8.34 26.58 -7.26
C ALA A 200 9.83 26.30 -7.10
N GLN A 201 10.16 25.56 -6.05
CA GLN A 201 11.54 25.15 -5.80
C GLN A 201 12.13 24.35 -6.96
N THR A 202 11.33 23.43 -7.50
CA THR A 202 11.81 22.60 -8.60
C THR A 202 12.18 23.48 -9.80
N LYS A 203 11.29 24.40 -10.16
CA LYS A 203 11.53 25.33 -11.27
C LYS A 203 12.81 26.12 -11.02
N GLN A 204 12.97 26.61 -9.79
CA GLN A 204 14.16 27.35 -9.40
C GLN A 204 15.42 26.54 -9.62
N PHE A 205 15.40 25.29 -9.16
CA PHE A 205 16.55 24.40 -9.29
C PHE A 205 16.92 24.21 -10.75
N ILE A 206 15.91 24.00 -11.59
CA ILE A 206 16.13 23.85 -13.02
C ILE A 206 16.73 25.13 -13.62
N GLU A 207 16.11 26.28 -13.33
CA GLU A 207 16.64 27.55 -13.79
C GLU A 207 18.10 27.72 -13.35
N GLU A 208 18.37 27.42 -12.09
CA GLU A 208 19.73 27.50 -11.55
C GLU A 208 20.72 26.64 -12.33
N ILE A 209 20.31 25.41 -12.65
CA ILE A 209 21.17 24.53 -13.45
C ILE A 209 21.56 25.23 -14.74
N ASN A 210 20.59 25.90 -15.36
CA ASN A 210 20.80 26.53 -16.66
C ASN A 210 21.67 27.78 -16.58
N LYS A 211 21.93 28.25 -15.37
CA LYS A 211 22.84 29.38 -15.17
C LYS A 211 24.29 28.92 -15.24
N TYR A 212 24.51 27.61 -15.16
CA TYR A 212 25.86 27.06 -15.17
C TYR A 212 26.08 26.22 -16.42
N SER A 213 27.27 25.62 -16.53
CA SER A 213 27.48 24.63 -17.56
C SER A 213 27.71 23.29 -16.89
N LEU A 214 26.69 22.46 -16.91
CA LEU A 214 26.72 21.18 -16.23
C LEU A 214 26.11 20.17 -17.16
N ASN A 215 26.55 18.93 -17.05
CA ASN A 215 25.91 17.89 -17.80
C ASN A 215 24.90 17.24 -16.84
N VAL A 216 23.62 17.52 -17.04
CA VAL A 216 22.58 17.01 -16.14
C VAL A 216 21.60 16.16 -16.93
N GLU A 217 21.65 14.86 -16.67
CA GLU A 217 20.89 13.89 -17.44
C GLU A 217 19.42 13.78 -16.98
N ILE A 218 19.18 13.91 -15.68
CA ILE A 218 17.80 13.74 -15.19
C ILE A 218 17.51 14.50 -13.92
N ILE A 219 16.22 14.83 -13.73
CA ILE A 219 15.69 15.34 -12.48
C ILE A 219 14.65 14.32 -12.04
N GLU A 220 14.90 13.63 -10.94
CA GLU A 220 14.05 12.52 -10.54
C GLU A 220 13.11 12.85 -9.37
N GLN A 221 11.84 12.49 -9.54
CA GLN A 221 10.80 12.64 -8.52
C GLN A 221 10.93 13.91 -7.65
N PRO A 222 10.86 15.07 -8.28
CA PRO A 222 11.04 16.32 -7.53
C PRO A 222 9.96 16.55 -6.47
N VAL A 223 8.72 16.15 -6.74
CA VAL A 223 7.62 16.42 -5.82
C VAL A 223 6.96 15.13 -5.30
N LYS A 224 5.94 15.30 -4.45
CA LYS A 224 5.24 14.17 -3.85
C LYS A 224 4.75 13.17 -4.89
N TYR A 225 4.82 11.89 -4.55
CA TYR A 225 4.41 10.82 -5.46
C TYR A 225 2.99 11.02 -6.00
N TYR A 226 2.10 11.64 -5.24
CA TYR A 226 0.72 11.76 -5.71
C TYR A 226 0.43 13.08 -6.41
N ASP A 227 1.41 13.97 -6.52
CA ASP A 227 1.06 15.24 -7.12
C ASP A 227 1.46 15.11 -8.58
N ILE A 228 0.50 14.61 -9.35
CA ILE A 228 0.74 14.28 -10.73
C ILE A 228 0.60 15.54 -11.56
N LYS A 229 -0.25 16.45 -11.09
CA LYS A 229 -0.39 17.76 -11.72
C LYS A 229 0.93 18.52 -11.70
N ALA A 230 1.57 18.60 -10.54
CA ALA A 230 2.87 19.24 -10.45
C ALA A 230 3.91 18.54 -11.31
N ALA A 232 3.40 16.94 -14.08
CA ALA A 232 3.12 17.31 -15.46
C ALA A 232 3.60 18.73 -15.76
N GLU A 233 3.39 19.64 -14.82
CA GLU A 233 3.79 21.03 -15.01
C GLU A 233 5.31 21.14 -15.04
N ILE A 234 5.98 20.39 -14.17
CA ILE A 234 7.44 20.37 -14.15
C ILE A 234 8.00 19.76 -15.43
N THR A 235 7.37 18.67 -15.89
CA THR A 235 7.83 18.03 -17.10
C THR A 235 7.74 18.99 -18.29
N LYS A 236 6.65 19.74 -18.35
CA LYS A 236 6.45 20.71 -19.43
C LYS A 236 7.46 21.85 -19.35
N PHE A 237 7.64 22.38 -18.14
CA PHE A 237 8.56 23.48 -17.90
C PHE A 237 10.02 23.12 -18.16
N SER A 238 10.38 21.88 -17.86
CA SER A 238 11.79 21.47 -17.83
C SER A 238 12.41 21.19 -19.19
N ASN A 239 13.66 21.61 -19.35
CA ASN A 239 14.44 21.24 -20.53
C ASN A 239 15.30 20.00 -20.26
N ILE A 240 15.28 19.56 -19.01
CA ILE A 240 15.93 18.32 -18.55
C ILE A 240 14.90 17.19 -18.33
N PRO A 241 15.18 15.99 -18.86
CA PRO A 241 14.25 14.87 -18.67
C PRO A 241 13.80 14.67 -17.21
N VAL A 242 12.51 14.51 -17.01
CA VAL A 242 11.96 14.33 -15.67
C VAL A 242 11.59 12.87 -15.45
N VAL A 243 12.03 12.31 -14.33
CA VAL A 243 11.84 10.88 -14.06
C VAL A 243 10.81 10.66 -12.94
N ALA A 244 9.83 9.82 -13.21
CA ALA A 244 8.89 9.40 -12.18
C ALA A 244 9.44 8.15 -11.51
N ASP A 245 9.64 8.21 -10.19
CA ASP A 245 10.03 7.02 -9.45
C ASP A 245 8.90 6.60 -8.53
N GLU A 246 8.75 7.25 -7.38
CA GLU A 246 7.68 6.85 -6.44
C GLU A 246 6.28 7.07 -7.01
N SER A 247 6.16 7.95 -8.00
CA SER A 247 4.89 8.12 -8.72
C SER A 247 4.49 6.88 -9.54
N VAL A 248 5.44 5.99 -9.84
CA VAL A 248 5.09 4.78 -10.61
C VAL A 248 5.61 3.50 -9.96
N PHE A 249 4.68 2.70 -9.43
CA PHE A 249 4.96 1.35 -8.93
C PHE A 249 4.64 0.36 -10.04
N ASP A 250 3.40 0.40 -10.51
CA ASP A 250 2.86 -0.63 -11.38
C ASP A 250 2.35 -0.11 -12.71
N ALA A 251 1.78 -1.01 -13.52
CA ALA A 251 1.34 -0.64 -14.87
C ALA A 251 0.23 0.42 -14.85
N LYS A 252 -0.70 0.32 -13.91
CA LYS A 252 -1.75 1.34 -13.85
C LYS A 252 -1.21 2.72 -13.44
N ASP A 253 -0.16 2.75 -12.62
CA ASP A 253 0.52 4.03 -12.32
C ASP A 253 1.19 4.59 -13.57
N ALA A 254 1.82 3.72 -14.34
CA ALA A 254 2.43 4.12 -15.60
C ALA A 254 1.38 4.72 -16.55
N GLU A 255 0.23 4.05 -16.66
CA GLU A 255 -0.87 4.55 -17.47
C GLU A 255 -1.27 5.98 -17.08
N ARG A 256 -1.33 6.25 -15.78
CA ARG A 256 -1.68 7.59 -15.32
C ARG A 256 -0.64 8.64 -15.68
N VAL A 257 0.65 8.36 -15.47
CA VAL A 257 1.66 9.37 -15.79
C VAL A 257 1.79 9.58 -17.31
N ILE A 258 1.54 8.53 -18.08
CA ILE A 258 1.48 8.68 -19.54
C ILE A 258 0.30 9.57 -19.92
N ASP A 259 -0.89 9.21 -19.45
CA ASP A 259 -2.10 9.96 -19.74
C ASP A 259 -1.96 11.44 -19.35
N GLU A 260 -1.34 11.71 -18.20
CA GLU A 260 -1.22 13.09 -17.72
C GLU A 260 0.09 13.76 -18.15
N GLN A 261 0.88 13.06 -18.96
CA GLN A 261 2.18 13.58 -19.40
C GLN A 261 3.04 14.07 -18.23
N ALA A 262 3.13 13.24 -17.20
CA ALA A 262 3.74 13.63 -15.93
C ALA A 262 5.23 13.29 -15.79
N CYS A 263 5.86 12.83 -16.86
CA CYS A 263 7.30 12.54 -16.84
C CYS A 263 7.79 12.22 -18.25
N ASN A 264 9.10 12.28 -18.44
CA ASN A 264 9.73 11.79 -19.67
C ASN A 264 10.27 10.38 -19.60
N ILE A 266 10.49 6.70 -16.80
CA ILE A 266 10.00 6.00 -15.60
C ILE A 266 11.15 5.21 -14.98
N ASN A 267 11.30 5.32 -13.67
CA ASN A 267 12.31 4.53 -12.98
C ASN A 267 11.64 3.25 -12.49
N ILE A 268 11.94 2.15 -13.16
CA ILE A 268 11.34 0.86 -12.80
C ILE A 268 12.17 0.22 -11.68
N LYS A 269 11.51 -0.21 -10.61
CA LYS A 269 12.18 -1.00 -9.56
C LYS A 269 11.33 -2.23 -9.28
N LEU A 270 11.96 -3.40 -9.27
CA LEU A 270 11.21 -4.65 -9.08
C LEU A 270 10.51 -4.71 -7.72
N ALA A 271 11.09 -4.05 -6.73
CA ALA A 271 10.45 -4.03 -5.40
C ALA A 271 9.14 -3.23 -5.41
N LYS A 272 9.03 -2.25 -6.32
CA LYS A 272 7.77 -1.53 -6.54
C LYS A 272 6.79 -2.30 -7.42
N THR A 273 7.31 -2.92 -8.48
CA THR A 273 6.45 -3.60 -9.46
C THR A 273 5.86 -4.92 -8.95
N GLY A 274 6.47 -5.50 -7.93
CA GLY A 274 6.11 -6.83 -7.52
C GLY A 274 6.73 -7.84 -8.49
N GLY A 275 7.89 -7.50 -9.07
CA GLY A 275 8.64 -8.43 -9.89
C GLY A 275 8.61 -8.21 -11.39
N ILE A 276 9.09 -9.20 -12.13
CA ILE A 276 9.40 -9.06 -13.54
C ILE A 276 8.18 -8.97 -14.44
N LEU A 277 7.13 -9.76 -14.18
CA LEU A 277 5.94 -9.70 -15.04
C LEU A 277 5.32 -8.30 -15.13
N GLU A 278 5.17 -7.66 -13.98
CA GLU A 278 4.57 -6.33 -13.95
C GLU A 278 5.53 -5.29 -14.54
N ALA A 279 6.83 -5.47 -14.30
CA ALA A 279 7.84 -4.56 -14.87
C ALA A 279 7.83 -4.60 -16.40
N GLN A 280 7.69 -5.79 -16.97
CA GLN A 280 7.52 -5.93 -18.43
C GLN A 280 6.28 -5.19 -18.94
N LYS A 281 5.18 -5.23 -18.19
CA LYS A 281 3.98 -4.50 -18.64
C LYS A 281 4.21 -2.99 -18.67
N ILE A 282 4.93 -2.46 -17.69
CA ILE A 282 5.26 -1.04 -17.66
C ILE A 282 6.11 -0.67 -18.87
N LYS A 283 7.15 -1.47 -19.13
CA LYS A 283 8.06 -1.17 -20.24
C LYS A 283 7.30 -1.12 -21.57
N LYS A 284 6.35 -2.04 -21.72
CA LYS A 284 5.54 -2.10 -22.93
C LYS A 284 4.67 -0.84 -23.10
N LEU A 285 4.00 -0.42 -22.02
CA LEU A 285 3.22 0.81 -22.02
C LEU A 285 4.09 2.02 -22.31
N ALA A 286 5.27 2.08 -21.68
CA ALA A 286 6.16 3.21 -21.87
C ALA A 286 6.66 3.27 -23.32
N ASP A 287 7.06 2.13 -23.86
CA ASP A 287 7.50 2.08 -25.26
C ASP A 287 6.43 2.67 -26.17
N SER A 288 5.18 2.23 -26.02
CA SER A 288 4.09 2.70 -26.86
C SER A 288 3.86 4.21 -26.76
N ALA A 289 4.17 4.77 -25.59
CA ALA A 289 3.92 6.18 -25.33
C ALA A 289 5.12 7.07 -25.65
N GLY A 290 6.22 6.46 -26.08
CA GLY A 290 7.45 7.21 -26.32
C GLY A 290 8.10 7.71 -25.04
N ILE A 291 7.81 7.03 -23.93
CA ILE A 291 8.41 7.33 -22.64
C ILE A 291 9.58 6.35 -22.44
N SER A 292 10.75 6.87 -22.06
CA SER A 292 11.91 6.03 -21.78
C SER A 292 11.84 5.38 -20.39
N CYS A 293 12.60 4.32 -20.16
CA CYS A 293 12.67 3.69 -18.84
C CYS A 293 14.11 3.54 -18.37
N VAL A 295 16.33 1.69 -14.82
CA VAL A 295 16.10 0.80 -13.68
C VAL A 295 16.82 1.30 -12.45
N GLY A 296 16.26 0.95 -11.29
CA GLY A 296 16.76 1.40 -10.00
C GLY A 296 16.47 0.27 -9.03
N CYS A 297 16.72 0.52 -7.75
CA CYS A 297 16.54 -0.51 -6.75
C CYS A 297 16.39 0.16 -5.39
N GLU A 300 19.43 -2.94 -1.40
CA GLU A 300 18.98 -4.31 -1.34
C GLU A 300 20.06 -5.29 -1.76
N SER A 301 19.72 -6.56 -1.62
CA SER A 301 20.64 -7.67 -1.84
C SER A 301 21.21 -7.66 -3.26
N PRO A 302 22.46 -8.14 -3.43
CA PRO A 302 23.02 -8.29 -4.78
C PRO A 302 22.14 -9.22 -5.61
N ALA A 303 21.40 -10.11 -4.96
CA ALA A 303 20.46 -10.96 -5.69
C ALA A 303 19.37 -10.14 -6.40
N GLY A 304 18.84 -9.14 -5.70
CA GLY A 304 17.87 -8.25 -6.33
C GLY A 304 18.51 -7.45 -7.47
N ILE A 305 19.75 -7.01 -7.26
CA ILE A 305 20.48 -6.28 -8.30
C ILE A 305 20.64 -7.15 -9.54
N LEU A 306 21.03 -8.40 -9.34
CA LEU A 306 21.16 -9.34 -10.46
C LEU A 306 19.85 -9.49 -11.21
N ALA A 307 18.75 -9.68 -10.49
CA ALA A 307 17.45 -9.82 -11.15
C ALA A 307 17.10 -8.57 -11.96
N THR A 308 17.40 -7.41 -11.38
CA THR A 308 17.09 -6.15 -12.03
C THR A 308 17.94 -5.95 -13.29
N ALA A 309 19.23 -6.23 -13.17
CA ALA A 309 20.15 -6.13 -14.31
C ALA A 309 19.72 -7.09 -15.43
N SER A 310 19.27 -8.29 -15.05
CA SER A 310 18.78 -9.27 -16.02
C SER A 310 17.57 -8.74 -16.77
N PHE A 311 16.67 -8.10 -16.04
CA PHE A 311 15.49 -7.49 -16.66
C PHE A 311 15.91 -6.36 -17.62
N ALA A 312 16.78 -5.47 -17.15
CA ALA A 312 17.18 -4.32 -17.97
C ALA A 312 17.89 -4.76 -19.25
N LEU A 313 18.77 -5.74 -19.13
CA LEU A 313 19.49 -6.23 -20.32
C LEU A 313 18.51 -6.82 -21.34
N ALA A 314 17.46 -7.46 -20.85
CA ALA A 314 16.48 -8.05 -21.75
C ALA A 314 15.59 -7.00 -22.40
N GLU A 315 15.43 -5.87 -21.72
CA GLU A 315 14.53 -4.81 -22.17
C GLU A 315 15.22 -3.64 -22.87
N ASP A 316 16.52 -3.73 -23.09
CA ASP A 316 17.27 -2.64 -23.70
C ASP A 316 17.19 -1.35 -22.87
N ILE A 317 17.28 -1.50 -21.56
CA ILE A 317 17.34 -0.37 -20.65
C ILE A 317 18.79 -0.20 -20.27
N THR A 318 19.39 0.93 -20.66
CA THR A 318 20.78 1.19 -20.37
C THR A 318 21.07 2.13 -19.21
N VAL A 319 20.07 2.87 -18.76
CA VAL A 319 20.29 3.82 -17.67
C VAL A 319 19.91 3.11 -16.38
N ALA A 320 20.85 3.07 -15.44
CA ALA A 320 20.67 2.25 -14.24
C ALA A 320 21.24 2.94 -13.01
N ASP A 321 20.49 2.88 -11.90
CA ASP A 321 21.04 3.28 -10.61
C ASP A 321 21.00 2.03 -9.74
N LEU A 322 22.11 1.29 -9.79
CA LEU A 322 22.28 -0.03 -9.17
C LEU A 322 23.40 -0.16 -8.12
N ASP A 323 23.82 0.95 -7.56
CA ASP A 323 25.01 1.01 -6.67
C ASP A 323 25.12 0.16 -5.38
N PRO A 324 24.00 -0.37 -4.84
CA PRO A 324 24.15 -1.17 -3.61
C PRO A 324 25.26 -2.22 -3.64
N LEU A 325 25.64 -2.73 -4.82
CA LEU A 325 26.79 -3.65 -4.90
C LEU A 325 28.02 -3.00 -4.27
N ASP A 326 28.08 -1.69 -4.32
CA ASP A 326 29.23 -0.95 -3.81
C ASP A 326 29.22 -0.92 -2.28
N TRP A 327 28.07 -1.26 -1.70
CA TRP A 327 27.89 -1.18 -0.24
C TRP A 327 28.10 -2.50 0.50
N VAL A 328 28.34 -3.58 -0.24
CA VAL A 328 28.45 -4.90 0.40
C VAL A 328 29.74 -5.60 -0.03
N ALA A 329 30.10 -6.65 0.71
CA ALA A 329 31.32 -7.40 0.43
C ALA A 329 31.26 -8.12 -0.92
N LYS A 330 32.32 -7.98 -1.71
CA LYS A 330 32.39 -8.61 -3.03
C LYS A 330 32.07 -10.11 -3.03
N ASP A 331 32.49 -10.83 -1.99
CA ASP A 331 32.30 -12.29 -1.98
C ASP A 331 30.83 -12.70 -1.87
N LEU A 332 29.97 -11.76 -1.50
CA LEU A 332 28.55 -12.05 -1.49
C LEU A 332 28.04 -12.28 -2.91
N TYR A 333 28.49 -11.44 -3.85
CA TYR A 333 28.05 -11.58 -5.23
C TYR A 333 29.02 -12.16 -6.28
N SER A 334 30.26 -12.41 -5.89
CA SER A 334 31.31 -12.72 -6.88
C SER A 334 31.01 -13.99 -7.67
N ASP A 335 30.09 -14.81 -7.19
CA ASP A 335 29.73 -16.01 -7.92
C ASP A 335 28.90 -15.71 -9.18
N TYR A 336 28.01 -14.72 -9.11
CA TYR A 336 27.26 -14.29 -10.30
C TYR A 336 27.52 -12.93 -10.97
N ILE A 337 28.30 -12.06 -10.32
CA ILE A 337 28.48 -10.70 -10.84
C ILE A 337 29.91 -10.26 -10.68
N THR A 338 30.45 -9.61 -11.70
CA THR A 338 31.72 -8.91 -11.58
C THR A 338 31.39 -7.44 -11.60
N PHE A 339 31.84 -6.71 -10.59
CA PHE A 339 31.56 -5.28 -10.58
C PHE A 339 32.91 -4.63 -10.85
N ASN A 340 33.13 -4.20 -12.09
CA ASN A 340 34.33 -3.44 -12.39
C ASN A 340 33.83 -2.05 -12.68
N GLU A 341 33.94 -1.17 -11.69
CA GLU A 341 33.19 0.07 -11.70
C GLU A 341 33.49 0.86 -12.97
N PRO A 342 32.46 1.45 -13.59
CA PRO A 342 31.08 1.34 -13.14
C PRO A 342 30.26 0.24 -13.82
N ASN A 343 30.87 -0.89 -14.15
CA ASN A 343 30.17 -1.88 -14.95
C ASN A 343 29.72 -3.05 -14.09
N ILE A 344 28.44 -3.36 -14.16
CA ILE A 344 27.90 -4.57 -13.54
C ILE A 344 27.82 -5.63 -14.61
N ILE A 345 28.60 -6.69 -14.46
CA ILE A 345 28.74 -7.71 -15.50
C ILE A 345 28.32 -9.09 -15.00
N LEU A 346 27.33 -9.67 -15.67
CA LEU A 346 26.83 -10.99 -15.31
C LEU A 346 27.84 -12.05 -15.72
N LYS A 347 28.05 -13.05 -14.85
CA LYS A 347 28.97 -14.13 -15.19
C LYS A 347 28.33 -15.11 -16.15
N ASP A 348 29.18 -15.80 -16.93
CA ASP A 348 28.76 -16.74 -17.97
C ASP A 348 28.12 -18.00 -17.41
N ASN A 349 27.17 -18.56 -18.16
CA ASN A 349 26.74 -19.93 -17.95
C ASN A 349 26.08 -20.22 -16.63
N LEU A 350 25.39 -19.25 -16.06
CA LEU A 350 24.66 -19.50 -14.83
C LEU A 350 23.31 -20.13 -15.16
N LYS A 351 22.84 -21.01 -14.29
CA LYS A 351 21.53 -21.60 -14.46
C LYS A 351 20.55 -20.84 -13.57
N GLY A 352 19.49 -20.31 -14.17
CA GLY A 352 18.60 -19.41 -13.46
C GLY A 352 19.35 -18.12 -13.14
N PHE A 353 19.10 -17.55 -11.97
CA PHE A 353 19.85 -16.36 -11.56
C PHE A 353 21.30 -16.71 -11.32
N GLY A 354 21.55 -17.85 -10.68
CA GLY A 354 22.90 -18.31 -10.45
C GLY A 354 23.36 -18.21 -9.02
N PHE A 355 22.46 -17.83 -8.12
CA PHE A 355 22.78 -17.84 -6.70
C PHE A 355 22.01 -18.95 -6.00
N ASN A 356 22.59 -19.46 -4.92
CA ASN A 356 21.91 -20.43 -4.08
C ASN A 356 21.86 -19.94 -2.64
N LEU A 357 20.90 -20.45 -1.89
CA LEU A 357 20.69 -20.08 -0.49
C LEU A 357 21.35 -21.01 0.53
N ALA A 358 22.22 -21.91 0.06
CA ALA A 358 22.74 -22.97 0.92
C ALA A 358 23.16 -22.50 2.31
N GLU A 359 23.91 -21.41 2.39
CA GLU A 359 24.38 -20.93 3.68
C GLU A 359 23.22 -20.52 4.60
N ASN A 360 22.24 -19.83 4.04
CA ASN A 360 21.10 -19.36 4.83
C ASN A 360 20.13 -20.47 5.20
N LEU A 361 19.75 -21.28 4.21
CA LEU A 361 18.75 -22.34 4.42
C LEU A 361 19.25 -23.66 5.02
N TYR A 362 20.45 -24.09 4.61
CA TYR A 362 20.95 -25.45 4.83
C TYR A 362 22.13 -25.51 5.81
N PHE A 363 23.16 -24.72 5.56
CA PHE A 363 24.21 -24.53 6.56
C PHE A 363 23.76 -23.48 7.58
N VAL B 2 0.78 17.16 32.45
CA VAL B 2 1.75 16.64 31.48
C VAL B 2 1.95 15.14 31.62
N SER B 3 1.22 14.37 30.82
CA SER B 3 1.31 12.92 30.83
C SER B 3 2.18 12.44 29.67
N LYS B 4 2.97 11.42 29.93
CA LYS B 4 3.97 10.94 28.99
C LYS B 4 3.67 9.47 28.69
N ILE B 5 3.79 9.06 27.42
CA ILE B 5 3.56 7.66 27.07
C ILE B 5 4.78 6.84 27.40
N ILE B 6 4.64 5.90 28.32
CA ILE B 6 5.78 5.09 28.74
C ILE B 6 5.81 3.61 28.34
N ASP B 7 4.75 3.13 27.71
CA ASP B 7 4.74 1.74 27.27
C ASP B 7 3.78 1.54 26.10
N ILE B 8 4.08 0.56 25.27
CA ILE B 8 3.24 0.21 24.13
C ILE B 8 3.25 -1.31 24.07
N LYS B 9 2.06 -1.89 24.06
CA LYS B 9 1.91 -3.34 24.08
C LYS B 9 0.82 -3.71 23.08
N THR B 10 0.81 -4.95 22.62
CA THR B 10 -0.19 -5.40 21.65
C THR B 10 -0.77 -6.75 22.04
N SER B 11 -1.90 -7.08 21.42
CA SER B 11 -2.43 -8.43 21.50
C SER B 11 -3.24 -8.72 20.26
N ILE B 12 -3.12 -9.93 19.76
CA ILE B 12 -3.96 -10.35 18.66
C ILE B 12 -5.35 -10.68 19.20
N ILE B 13 -6.39 -10.38 18.41
CA ILE B 13 -7.75 -10.82 18.71
C ILE B 13 -8.31 -11.61 17.53
N LYS B 14 -8.87 -12.78 17.79
CA LYS B 14 -9.56 -13.52 16.73
C LYS B 14 -11.00 -13.75 17.11
N ILE B 15 -11.93 -13.41 16.21
CA ILE B 15 -13.35 -13.55 16.51
C ILE B 15 -14.02 -14.36 15.43
N PRO B 16 -14.83 -15.36 15.81
CA PRO B 16 -15.58 -16.15 14.83
C PRO B 16 -16.85 -15.42 14.37
N LEU B 17 -17.22 -15.58 13.10
CA LEU B 17 -18.46 -14.99 12.60
C LEU B 17 -19.61 -16.01 12.69
N LYS B 18 -20.82 -15.53 12.96
CA LYS B 18 -22.02 -16.39 13.01
C LYS B 18 -22.38 -16.98 11.67
N ARG B 19 -21.94 -16.34 10.59
CA ARG B 19 -22.27 -16.83 9.25
C ARG B 19 -21.19 -16.35 8.31
N THR B 20 -21.10 -16.96 7.14
CA THR B 20 -19.99 -16.67 6.22
C THR B 20 -20.14 -15.33 5.49
N PHE B 21 -19.08 -14.54 5.52
CA PHE B 21 -19.04 -13.24 4.84
C PHE B 21 -18.35 -13.39 3.48
N ILE B 22 -19.10 -13.15 2.39
CA ILE B 22 -18.55 -13.33 1.05
C ILE B 22 -18.77 -12.08 0.22
N THR B 23 -17.70 -11.55 -0.35
CA THR B 23 -17.79 -10.40 -1.24
C THR B 23 -17.14 -10.81 -2.55
N ALA B 24 -17.12 -9.92 -3.53
CA ALA B 24 -16.44 -10.20 -4.79
C ALA B 24 -14.94 -10.43 -4.59
N VAL B 25 -14.40 -9.86 -3.51
CA VAL B 25 -12.96 -9.98 -3.22
C VAL B 25 -12.52 -11.21 -2.42
N ARG B 26 -13.32 -11.63 -1.44
CA ARG B 26 -12.89 -12.72 -0.59
C ARG B 26 -14.04 -13.33 0.18
N SER B 27 -13.73 -14.40 0.91
CA SER B 27 -14.70 -15.10 1.73
C SER B 27 -14.04 -15.39 3.08
N THR B 28 -14.80 -15.22 4.17
CA THR B 28 -14.24 -15.51 5.49
C THR B 28 -15.30 -15.86 6.53
N ASN B 29 -14.89 -16.71 7.47
CA ASN B 29 -15.63 -17.01 8.69
C ASN B 29 -15.12 -16.36 9.98
N HIS B 30 -14.16 -15.45 9.87
CA HIS B 30 -13.52 -14.93 11.08
C HIS B 30 -12.98 -13.51 10.88
N ILE B 31 -12.63 -12.87 11.98
CA ILE B 31 -11.95 -11.58 11.98
C ILE B 31 -10.63 -11.70 12.70
N ASP B 32 -9.55 -11.25 12.05
CA ASP B 32 -8.24 -11.16 12.68
C ASP B 32 -8.00 -9.68 12.98
N SER B 33 -7.68 -9.34 14.22
CA SER B 33 -7.39 -7.94 14.55
C SER B 33 -6.17 -7.81 15.44
N LEU B 34 -5.55 -6.64 15.43
CA LEU B 34 -4.52 -6.35 16.42
C LEU B 34 -5.00 -5.24 17.34
N ALA B 35 -4.84 -5.43 18.64
CA ALA B 35 -5.14 -4.38 19.61
C ALA B 35 -3.83 -3.79 20.11
N VAL B 36 -3.82 -2.48 20.30
CA VAL B 36 -2.65 -1.82 20.88
C VAL B 36 -3.06 -1.14 22.18
N GLU B 37 -2.15 -1.14 23.15
CA GLU B 37 -2.37 -0.49 24.45
C GLU B 37 -1.22 0.49 24.69
N LEU B 38 -1.57 1.76 24.89
CA LEU B 38 -0.60 2.78 25.23
C LEU B 38 -0.76 3.08 26.72
N THR B 39 0.35 3.05 27.46
CA THR B 39 0.30 3.33 28.91
C THR B 39 0.94 4.67 29.22
N LEU B 40 0.20 5.56 29.89
CA LEU B 40 0.74 6.84 30.39
C LEU B 40 1.49 6.66 31.70
N ASP B 41 2.36 7.62 32.03
CA ASP B 41 3.15 7.52 33.25
C ASP B 41 2.32 7.73 34.53
N ASN B 42 1.06 8.15 34.36
CA ASN B 42 0.13 8.21 35.48
C ASN B 42 -0.72 6.93 35.59
N GLY B 43 -0.42 5.94 34.76
CA GLY B 43 -1.08 4.65 34.85
C GLY B 43 -2.31 4.48 33.99
N VAL B 44 -2.80 5.58 33.41
CA VAL B 44 -3.94 5.53 32.49
C VAL B 44 -3.57 4.78 31.20
N LYS B 45 -4.45 3.92 30.72
CA LYS B 45 -4.16 3.12 29.52
C LYS B 45 -5.16 3.42 28.41
N GLY B 46 -4.73 3.32 27.15
CA GLY B 46 -5.65 3.64 26.08
C GLY B 46 -5.45 2.65 24.95
N TYR B 47 -6.53 2.41 24.22
CA TYR B 47 -6.62 1.23 23.38
C TYR B 47 -7.11 1.56 22.00
N GLY B 48 -6.60 0.81 21.02
CA GLY B 48 -7.14 0.88 19.68
C GLY B 48 -7.10 -0.53 19.11
N VAL B 49 -7.96 -0.80 18.14
CA VAL B 49 -8.07 -2.13 17.55
C VAL B 49 -8.31 -1.95 16.07
N ALA B 50 -7.60 -2.72 15.24
CA ALA B 50 -7.71 -2.59 13.79
C ALA B 50 -7.68 -3.96 13.14
N PRO B 51 -8.40 -4.12 12.02
CA PRO B 51 -8.50 -5.40 11.32
C PRO B 51 -7.32 -5.66 10.41
N ALA B 52 -7.01 -6.94 10.16
CA ALA B 52 -6.01 -7.22 9.13
C ALA B 52 -6.76 -7.71 7.92
N THR B 53 -7.16 -6.80 7.02
CA THR B 53 -7.86 -7.29 5.84
C THR B 53 -6.86 -7.09 4.72
N THR B 54 -6.14 -8.16 4.44
CA THR B 54 -4.96 -8.07 3.60
C THR B 54 -5.33 -7.78 2.15
N ALA B 55 -6.47 -8.31 1.71
CA ALA B 55 -6.93 -8.13 0.34
C ALA B 55 -7.39 -6.71 0.05
N ILE B 56 -7.62 -5.93 1.10
CA ILE B 56 -8.09 -4.56 0.95
C ILE B 56 -7.06 -3.48 1.33
N THR B 57 -6.60 -3.50 2.58
CA THR B 57 -5.57 -2.52 2.99
C THR B 57 -4.13 -3.05 2.96
N GLY B 58 -3.96 -4.34 2.66
CA GLY B 58 -2.63 -4.94 2.65
C GLY B 58 -2.06 -5.24 4.04
N ASP B 59 -2.82 -4.90 5.07
CA ASP B 59 -2.29 -5.09 6.43
C ASP B 59 -2.32 -6.57 6.79
N THR B 60 -1.35 -6.98 7.61
CA THR B 60 -1.32 -8.31 8.19
C THR B 60 -1.10 -8.13 9.69
N LEU B 61 -1.52 -9.09 10.51
CA LEU B 61 -1.25 -9.01 11.94
C LEU B 61 0.24 -8.89 12.19
N GLN B 62 1.02 -9.63 11.40
CA GLN B 62 2.45 -9.73 11.62
C GLN B 62 3.15 -8.43 11.25
N GLY B 63 2.76 -7.83 10.13
CA GLY B 63 3.29 -6.53 9.74
C GLY B 63 2.88 -5.46 10.72
N GLN B 65 2.14 -5.74 13.92
CA GLN B 65 2.88 -5.91 15.18
C GLN B 65 4.29 -5.30 15.06
N TYR B 66 4.99 -5.66 13.99
CA TYR B 66 6.36 -5.15 13.79
C TYR B 66 6.37 -3.63 13.65
N ILE B 67 5.46 -3.10 12.84
CA ILE B 67 5.40 -1.66 12.64
C ILE B 67 5.11 -0.92 13.93
N ILE B 68 4.13 -1.38 14.68
CA ILE B 68 3.74 -0.68 15.90
C ILE B 68 4.85 -0.75 16.97
N ARG B 69 5.37 -1.95 17.19
CA ARG B 69 6.35 -2.13 18.25
C ARG B 69 7.79 -1.73 17.89
N GLU B 70 8.18 -1.92 16.64
CA GLU B 70 9.56 -1.59 16.24
C GLU B 70 9.77 -0.30 15.46
N ILE B 71 8.72 0.23 14.84
CA ILE B 71 8.85 1.44 14.01
C ILE B 71 8.20 2.65 14.69
N PHE B 72 6.92 2.54 15.00
CA PHE B 72 6.20 3.62 15.66
C PHE B 72 6.64 3.84 17.11
N ALA B 73 6.82 2.76 17.86
CA ALA B 73 7.07 2.83 19.30
C ALA B 73 8.26 3.72 19.67
N PRO B 74 9.40 3.60 18.96
CA PRO B 74 10.52 4.47 19.34
C PRO B 74 10.21 5.96 19.18
N VAL B 75 9.33 6.31 18.25
CA VAL B 75 8.95 7.71 18.07
C VAL B 75 8.00 8.14 19.21
N ILE B 76 7.13 7.24 19.62
CA ILE B 76 6.09 7.53 20.59
C ILE B 76 6.57 7.49 22.04
N LEU B 77 7.38 6.49 22.37
CA LEU B 77 7.80 6.28 23.74
C LEU B 77 8.58 7.47 24.29
N GLY B 78 8.14 7.95 25.44
CA GLY B 78 8.76 9.08 26.12
C GLY B 78 8.16 10.40 25.73
N SER B 79 7.31 10.39 24.71
CA SER B 79 6.71 11.64 24.23
C SER B 79 5.51 12.06 25.09
N ASP B 80 5.25 13.37 25.14
CA ASP B 80 4.10 13.90 25.87
C ASP B 80 2.82 13.62 25.08
N LEU B 81 1.78 13.21 25.79
CA LEU B 81 0.49 12.97 25.16
C LEU B 81 0.03 14.17 24.31
N SER B 82 0.29 15.37 24.81
CA SER B 82 -0.18 16.59 24.15
C SER B 82 0.53 16.83 22.83
N ASP B 83 1.62 16.08 22.61
CA ASP B 83 2.37 16.16 21.36
C ASP B 83 1.88 15.17 20.29
N TYR B 84 0.69 14.62 20.51
CA TYR B 84 0.20 13.53 19.66
C TYR B 84 0.20 13.83 18.15
N LYS B 85 -0.17 15.04 17.76
CA LYS B 85 -0.28 15.33 16.33
C LYS B 85 1.06 15.25 15.64
N GLN B 86 2.08 15.88 16.22
CA GLN B 86 3.39 15.87 15.57
C GLN B 86 4.10 14.52 15.75
N THR B 87 3.80 13.83 16.85
CA THR B 87 4.36 12.50 17.05
C THR B 87 3.84 11.50 16.00
N LEU B 88 2.52 11.50 15.78
CA LEU B 88 1.93 10.63 14.78
C LEU B 88 2.43 11.00 13.38
N GLU B 89 2.54 12.29 13.10
CA GLU B 89 3.06 12.69 11.79
C GLU B 89 4.47 12.13 11.53
N LEU B 90 5.38 12.32 12.49
CA LEU B 90 6.73 11.78 12.38
C LEU B 90 6.76 10.24 12.29
N ALA B 91 5.95 9.58 13.10
CA ALA B 91 5.90 8.12 13.08
C ALA B 91 5.35 7.60 11.74
N PHE B 92 4.23 8.16 11.30
CA PHE B 92 3.55 7.64 10.11
C PHE B 92 4.37 7.83 8.82
N LYS B 93 5.22 8.85 8.83
CA LYS B 93 6.10 9.11 7.69
C LYS B 93 7.07 7.97 7.45
N LYS B 94 7.30 7.14 8.45
CA LYS B 94 8.28 6.06 8.30
C LYS B 94 7.69 4.83 7.61
N VAL B 95 6.40 4.87 7.33
CA VAL B 95 5.70 3.68 6.84
C VAL B 95 4.77 4.02 5.69
N PHE B 97 1.71 2.91 3.25
CA PHE B 97 0.56 2.02 3.39
C PHE B 97 0.39 1.50 4.84
N ASN B 98 0.01 0.24 5.01
CA ASN B 98 -0.28 -0.28 6.34
C ASN B 98 -1.21 0.64 7.15
N SER B 99 -2.31 1.06 6.53
CA SER B 99 -3.22 2.01 7.15
C SER B 99 -3.88 1.45 8.42
N ALA B 100 -4.12 0.14 8.47
CA ALA B 100 -4.75 -0.43 9.68
C ALA B 100 -3.84 -0.36 10.91
N ALA B 101 -2.55 -0.61 10.72
CA ALA B 101 -1.57 -0.41 11.80
C ALA B 101 -1.68 1.01 12.34
N LYS B 102 -1.78 1.98 11.44
CA LYS B 102 -1.90 3.38 11.85
C LYS B 102 -3.23 3.66 12.54
N ALA B 104 -4.84 1.62 14.49
CA ALA B 104 -4.78 1.13 15.87
C ALA B 104 -4.14 2.17 16.78
N ILE B 105 -3.06 2.79 16.32
CA ILE B 105 -2.33 3.74 17.16
C ILE B 105 -3.08 5.06 17.35
N ASP B 106 -3.64 5.56 16.26
CA ASP B 106 -4.47 6.77 16.29
C ASP B 106 -5.64 6.59 17.27
N LEU B 107 -6.31 5.45 17.22
CA LEU B 107 -7.42 5.22 18.14
C LEU B 107 -6.95 5.19 19.59
N ALA B 108 -5.82 4.53 19.86
CA ALA B 108 -5.31 4.46 21.23
C ALA B 108 -5.02 5.86 21.76
N TYR B 109 -4.46 6.71 20.92
CA TYR B 109 -4.21 8.09 21.32
C TYR B 109 -5.51 8.83 21.66
N HIS B 110 -6.54 8.65 20.84
CA HIS B 110 -7.81 9.29 21.12
C HIS B 110 -8.44 8.77 22.41
N ASP B 111 -8.31 7.48 22.66
CA ASP B 111 -8.77 6.90 23.93
C ASP B 111 -8.11 7.63 25.12
N LEU B 112 -6.80 7.84 25.05
CA LEU B 112 -6.08 8.57 26.09
C LEU B 112 -6.54 10.01 26.23
N LEU B 113 -6.68 10.70 25.11
CA LEU B 113 -7.07 12.11 25.13
C LEU B 113 -8.40 12.29 25.87
N ALA B 114 -9.36 11.43 25.56
CA ALA B 114 -10.68 11.48 26.18
C ALA B 114 -10.61 11.10 27.65
N LYS B 115 -9.92 10.00 27.95
CA LYS B 115 -9.78 9.56 29.32
C LYS B 115 -9.14 10.64 30.20
N GLU B 116 -8.14 11.33 29.66
CA GLU B 116 -7.48 12.40 30.42
C GLU B 116 -8.41 13.57 30.72
N GLN B 117 -9.45 13.74 29.90
CA GLN B 117 -10.48 14.74 30.16
C GLN B 117 -11.69 14.16 30.87
N ASP B 118 -11.61 12.89 31.26
CA ASP B 118 -12.70 12.19 31.92
C ASP B 118 -14.00 12.24 31.10
N ILE B 119 -13.87 12.08 29.78
CA ILE B 119 -15.05 12.01 28.93
C ILE B 119 -14.94 10.85 27.93
N SER B 120 -16.00 10.62 27.16
CA SER B 120 -15.99 9.62 26.09
C SER B 120 -15.27 10.18 24.87
N VAL B 121 -14.79 9.31 23.99
CA VAL B 121 -14.20 9.80 22.74
C VAL B 121 -15.24 10.57 21.92
N ALA B 122 -16.45 10.04 21.85
CA ALA B 122 -17.53 10.72 21.13
C ALA B 122 -17.69 12.16 21.65
N LYS B 123 -17.69 12.32 22.96
CA LYS B 123 -17.77 13.65 23.57
C LYS B 123 -16.54 14.49 23.22
N LEU B 124 -15.34 13.88 23.33
CA LEU B 124 -14.11 14.58 22.95
C LEU B 124 -14.17 15.14 21.54
N LEU B 125 -14.76 14.38 20.63
CA LEU B 125 -14.81 14.79 19.23
C LEU B 125 -15.94 15.78 18.94
N GLY B 126 -16.81 16.01 19.91
CA GLY B 126 -17.86 17.00 19.75
C GLY B 126 -19.23 16.45 19.40
N ALA B 127 -19.42 15.14 19.58
CA ALA B 127 -20.72 14.54 19.30
C ALA B 127 -21.79 15.08 20.25
N LYS B 128 -23.00 15.17 19.72
CA LYS B 128 -24.21 15.49 20.48
C LYS B 128 -25.09 14.25 20.59
N ALA B 129 -25.49 13.71 19.44
CA ALA B 129 -26.29 12.48 19.38
C ALA B 129 -25.49 11.25 19.84
N ASN B 130 -26.19 10.28 20.43
CA ASN B 130 -25.61 8.97 20.79
C ASN B 130 -26.02 7.76 19.94
N SER B 131 -26.75 7.99 18.86
CA SER B 131 -27.33 6.87 18.11
C SER B 131 -27.11 7.00 16.60
N ILE B 132 -26.68 5.92 15.97
CA ILE B 132 -26.60 5.91 14.51
C ILE B 132 -27.22 4.63 13.93
N VAL B 133 -27.92 4.78 12.81
CA VAL B 133 -28.57 3.65 12.14
C VAL B 133 -27.66 2.99 11.12
N THR B 134 -27.57 1.66 11.16
CA THR B 134 -26.78 0.93 10.17
C THR B 134 -27.65 0.04 9.28
N ASP B 135 -27.17 -0.23 8.06
CA ASP B 135 -27.75 -1.30 7.27
C ASP B 135 -27.26 -2.64 7.84
N VAL B 136 -27.75 -3.73 7.28
CA VAL B 136 -27.09 -5.01 7.46
C VAL B 136 -26.63 -5.42 6.06
N SER B 137 -25.48 -6.06 5.95
CA SER B 137 -24.94 -6.42 4.64
C SER B 137 -25.16 -7.91 4.39
N ILE B 138 -25.26 -8.26 3.11
CA ILE B 138 -25.67 -9.58 2.68
C ILE B 138 -24.58 -10.18 1.77
N SER B 139 -24.08 -11.36 2.13
CA SER B 139 -23.01 -12.01 1.36
C SER B 139 -23.41 -12.33 -0.07
N CYS B 140 -22.44 -12.34 -0.98
CA CYS B 140 -22.65 -12.87 -2.32
C CYS B 140 -23.11 -14.32 -2.19
N GLY B 141 -24.00 -14.74 -3.08
CA GLY B 141 -24.53 -16.09 -3.04
C GLY B 141 -25.59 -16.23 -4.12
N ASN B 142 -26.17 -17.42 -4.25
CA ASN B 142 -27.23 -17.60 -5.24
C ASN B 142 -28.47 -16.81 -4.84
N VAL B 143 -29.37 -16.59 -5.78
CA VAL B 143 -30.52 -15.74 -5.54
C VAL B 143 -31.34 -16.19 -4.33
N ALA B 144 -31.64 -17.49 -4.27
CA ALA B 144 -32.52 -18.00 -3.21
C ALA B 144 -31.95 -17.74 -1.81
N GLU B 145 -30.67 -18.06 -1.62
CA GLU B 145 -30.03 -17.85 -0.32
C GLU B 145 -29.90 -16.36 -0.02
N THR B 146 -29.68 -15.56 -1.05
CA THR B 146 -29.58 -14.12 -0.88
C THR B 146 -30.91 -13.57 -0.37
N ILE B 147 -32.01 -13.96 -1.02
CA ILE B 147 -33.33 -13.54 -0.56
C ILE B 147 -33.58 -13.94 0.91
N GLN B 148 -33.18 -15.15 1.27
CA GLN B 148 -33.33 -15.63 2.63
C GLN B 148 -32.55 -14.78 3.63
N ASN B 149 -31.29 -14.50 3.32
CA ASN B 149 -30.49 -13.63 4.17
C ASN B 149 -31.10 -12.24 4.36
N ILE B 150 -31.68 -11.68 3.29
CA ILE B 150 -32.32 -10.37 3.40
C ILE B 150 -33.57 -10.45 4.26
N GLN B 151 -34.37 -11.49 4.07
CA GLN B 151 -35.52 -11.74 4.93
C GLN B 151 -35.11 -11.84 6.40
N ASN B 152 -34.02 -12.57 6.67
CA ASN B 152 -33.50 -12.62 8.03
C ASN B 152 -33.23 -11.23 8.56
N GLY B 153 -32.59 -10.40 7.72
CA GLY B 153 -32.27 -9.04 8.11
C GLY B 153 -33.52 -8.24 8.43
N VAL B 154 -34.53 -8.33 7.55
CA VAL B 154 -35.77 -7.60 7.76
C VAL B 154 -36.46 -8.01 9.06
N GLU B 155 -36.48 -9.31 9.33
CA GLU B 155 -37.11 -9.81 10.56
C GLU B 155 -36.33 -9.37 11.80
N ALA B 156 -35.05 -9.05 11.61
CA ALA B 156 -34.21 -8.54 12.69
C ALA B 156 -34.35 -7.02 12.88
N ASN B 157 -35.27 -6.41 12.15
CA ASN B 157 -35.52 -4.96 12.27
C ASN B 157 -34.66 -4.05 11.35
N PHE B 158 -33.84 -4.63 10.49
CA PHE B 158 -33.08 -3.81 9.51
C PHE B 158 -33.96 -3.41 8.34
N THR B 159 -34.02 -2.11 8.02
CA THR B 159 -34.66 -1.68 6.77
C THR B 159 -33.74 -1.18 5.65
N ALA B 160 -32.46 -1.03 5.95
CA ALA B 160 -31.48 -0.66 4.94
C ALA B 160 -30.61 -1.86 4.75
N ILE B 161 -30.50 -2.30 3.50
CA ILE B 161 -29.87 -3.58 3.20
C ILE B 161 -28.75 -3.38 2.20
N LYS B 162 -27.51 -3.68 2.62
CA LYS B 162 -26.40 -3.63 1.70
C LYS B 162 -26.24 -4.98 1.01
N VAL B 163 -26.38 -4.99 -0.30
CA VAL B 163 -26.32 -6.22 -1.06
C VAL B 163 -24.99 -6.30 -1.79
N LYS B 164 -24.15 -7.24 -1.39
CA LYS B 164 -22.88 -7.44 -2.06
C LYS B 164 -23.11 -7.97 -3.48
N THR B 165 -22.42 -7.38 -4.45
CA THR B 165 -22.52 -7.82 -5.84
C THR B 165 -21.11 -7.95 -6.42
N GLY B 166 -21.01 -8.20 -7.71
CA GLY B 166 -19.73 -8.11 -8.39
C GLY B 166 -18.98 -9.42 -8.57
N ALA B 167 -19.42 -10.47 -7.87
CA ALA B 167 -18.79 -11.78 -7.99
C ALA B 167 -19.32 -12.54 -9.21
N ASP B 168 -20.62 -12.43 -9.42
CA ASP B 168 -21.29 -13.06 -10.55
C ASP B 168 -22.30 -12.06 -11.13
N PHE B 169 -22.01 -11.51 -12.30
CA PHE B 169 -22.84 -10.43 -12.86
C PHE B 169 -24.21 -10.92 -13.30
N ASN B 170 -24.25 -12.12 -13.88
CA ASN B 170 -25.53 -12.71 -14.27
C ASN B 170 -26.45 -12.87 -13.07
N ARG B 171 -25.87 -13.33 -11.96
CA ARG B 171 -26.61 -13.43 -10.70
C ARG B 171 -27.10 -12.05 -10.24
N ASP B 172 -26.22 -11.05 -10.31
CA ASP B 172 -26.58 -9.70 -9.89
C ASP B 172 -27.83 -9.18 -10.62
N ILE B 173 -27.85 -9.33 -11.94
CA ILE B 173 -29.00 -8.93 -12.73
C ILE B 173 -30.26 -9.72 -12.36
N GLN B 174 -30.15 -11.04 -12.25
CA GLN B 174 -31.30 -11.87 -11.91
C GLN B 174 -31.85 -11.54 -10.52
N LEU B 175 -30.95 -11.14 -9.63
CA LEU B 175 -31.35 -10.86 -8.25
C LEU B 175 -32.35 -9.70 -8.18
N LEU B 176 -32.12 -8.68 -9.02
CA LEU B 176 -32.97 -7.49 -9.01
C LEU B 176 -34.44 -7.86 -9.18
N LYS B 177 -34.70 -8.88 -9.99
CA LYS B 177 -36.06 -9.33 -10.23
C LYS B 177 -36.65 -9.89 -8.92
N ALA B 178 -35.85 -10.69 -8.22
CA ALA B 178 -36.29 -11.30 -6.98
C ALA B 178 -36.52 -10.27 -5.87
N LEU B 179 -35.66 -9.27 -5.80
CA LEU B 179 -35.83 -8.21 -4.80
C LEU B 179 -37.16 -7.49 -5.03
N ASP B 180 -37.43 -7.18 -6.29
CA ASP B 180 -38.62 -6.42 -6.65
C ASP B 180 -39.88 -7.22 -6.30
N ASN B 181 -39.80 -8.52 -6.47
CA ASN B 181 -40.88 -9.44 -6.12
C ASN B 181 -41.09 -9.55 -4.59
N GLU B 182 -40.00 -9.61 -3.84
CA GLU B 182 -40.07 -9.91 -2.40
C GLU B 182 -40.18 -8.74 -1.44
N PHE B 183 -39.81 -7.54 -1.86
CA PHE B 183 -39.67 -6.45 -0.89
C PHE B 183 -40.38 -5.18 -1.32
N SER B 184 -40.82 -4.39 -0.35
CA SER B 184 -41.48 -3.14 -0.64
C SER B 184 -40.46 -2.00 -0.70
N LYS B 185 -40.94 -0.81 -1.01
CA LYS B 185 -40.07 0.35 -1.11
C LYS B 185 -39.76 0.93 0.27
N ASN B 186 -40.31 0.32 1.32
CA ASN B 186 -39.86 0.66 2.67
C ASN B 186 -38.51 0.02 3.01
N ILE B 187 -38.06 -0.90 2.15
CA ILE B 187 -36.71 -1.45 2.25
C ILE B 187 -35.76 -0.67 1.32
N LYS B 188 -34.66 -0.17 1.84
CA LYS B 188 -33.70 0.61 1.03
C LYS B 188 -32.45 -0.21 0.74
N PHE B 189 -32.15 -0.36 -0.54
CA PHE B 189 -31.01 -1.17 -0.96
C PHE B 189 -29.76 -0.32 -1.25
N ARG B 190 -28.62 -0.89 -0.89
CA ARG B 190 -27.32 -0.29 -1.20
C ARG B 190 -26.53 -1.41 -1.86
N PHE B 191 -26.11 -1.20 -3.10
CA PHE B 191 -25.33 -2.25 -3.78
C PHE B 191 -23.84 -1.95 -3.66
N ASP B 192 -23.05 -2.97 -3.35
CA ASP B 192 -21.60 -2.81 -3.26
C ASP B 192 -20.93 -3.95 -4.04
N ALA B 193 -20.27 -3.58 -5.14
CA ALA B 193 -19.68 -4.55 -6.05
C ALA B 193 -18.24 -4.92 -5.68
N ASN B 194 -17.68 -4.23 -4.68
CA ASN B 194 -16.29 -4.41 -4.35
C ASN B 194 -15.41 -4.45 -5.61
N GLN B 195 -15.63 -3.51 -6.54
CA GLN B 195 -14.76 -3.37 -7.71
C GLN B 195 -14.99 -4.42 -8.80
N GLY B 196 -15.96 -5.30 -8.59
CA GLY B 196 -16.11 -6.47 -9.42
C GLY B 196 -16.67 -6.29 -10.82
N TRP B 197 -17.42 -5.20 -11.06
CA TRP B 197 -17.93 -4.92 -12.40
C TRP B 197 -16.94 -4.18 -13.29
N ASN B 198 -17.12 -4.29 -14.60
CA ASN B 198 -16.49 -3.34 -15.53
C ASN B 198 -17.46 -2.19 -15.85
N LEU B 199 -17.02 -1.25 -16.67
CA LEU B 199 -17.84 -0.09 -16.97
C LEU B 199 -19.19 -0.46 -17.62
N ALA B 200 -19.16 -1.34 -18.63
CA ALA B 200 -20.40 -1.68 -19.34
C ALA B 200 -21.40 -2.36 -18.41
N GLN B 201 -20.90 -3.26 -17.57
CA GLN B 201 -21.76 -3.97 -16.63
C GLN B 201 -22.43 -3.02 -15.63
N THR B 202 -21.65 -2.07 -15.14
CA THR B 202 -22.18 -1.12 -14.17
C THR B 202 -23.35 -0.34 -14.78
N LYS B 203 -23.16 0.17 -15.98
CA LYS B 203 -24.24 0.89 -16.66
C LYS B 203 -25.47 0.00 -16.86
N GLN B 204 -25.25 -1.25 -17.27
CA GLN B 204 -26.35 -2.20 -17.47
C GLN B 204 -27.11 -2.48 -16.17
N PHE B 205 -26.37 -2.61 -15.08
CA PHE B 205 -26.97 -2.86 -13.77
C PHE B 205 -27.85 -1.69 -13.34
N ILE B 206 -27.34 -0.47 -13.50
CA ILE B 206 -28.10 0.73 -13.18
C ILE B 206 -29.36 0.82 -14.05
N GLU B 207 -29.23 0.51 -15.33
CA GLU B 207 -30.41 0.46 -16.20
C GLU B 207 -31.40 -0.60 -15.75
N GLU B 208 -30.89 -1.75 -15.34
CA GLU B 208 -31.76 -2.84 -14.89
C GLU B 208 -32.54 -2.41 -13.63
N ILE B 209 -31.86 -1.79 -12.68
CA ILE B 209 -32.52 -1.29 -11.48
C ILE B 209 -33.74 -0.45 -11.86
N ASN B 210 -33.56 0.37 -12.89
CA ASN B 210 -34.60 1.34 -13.24
C ASN B 210 -35.74 0.72 -14.04
N LYS B 211 -35.67 -0.58 -14.27
CA LYS B 211 -36.78 -1.31 -14.87
C LYS B 211 -37.75 -1.81 -13.80
N TYR B 212 -37.33 -1.72 -12.55
CA TYR B 212 -38.11 -2.29 -11.45
C TYR B 212 -38.59 -1.18 -10.54
N SER B 213 -39.32 -1.53 -9.48
CA SER B 213 -39.64 -0.53 -8.49
C SER B 213 -38.93 -0.91 -7.20
N LEU B 214 -37.79 -0.27 -6.99
CA LEU B 214 -36.95 -0.58 -5.85
C LEU B 214 -36.51 0.74 -5.25
N ASN B 215 -36.35 0.77 -3.93
CA ASN B 215 -35.81 1.96 -3.32
C ASN B 215 -34.31 1.69 -3.23
N VAL B 216 -33.53 2.36 -4.07
CA VAL B 216 -32.09 2.13 -4.15
C VAL B 216 -31.35 3.42 -3.80
N GLU B 217 -30.63 3.38 -2.70
CA GLU B 217 -29.94 4.54 -2.14
C GLU B 217 -28.55 4.82 -2.74
N ILE B 218 -27.76 3.76 -3.00
CA ILE B 218 -26.39 3.96 -3.48
C ILE B 218 -25.89 2.81 -4.33
N ILE B 219 -24.95 3.12 -5.21
CA ILE B 219 -24.15 2.12 -5.91
C ILE B 219 -22.71 2.37 -5.46
N GLU B 220 -22.12 1.39 -4.80
CA GLU B 220 -20.83 1.60 -4.19
C GLU B 220 -19.69 0.88 -4.93
N GLN B 221 -18.60 1.62 -5.17
CA GLN B 221 -17.39 1.10 -5.81
C GLN B 221 -17.66 0.01 -6.85
N PRO B 222 -18.39 0.38 -7.92
CA PRO B 222 -18.71 -0.63 -8.96
C PRO B 222 -17.45 -1.14 -9.67
N VAL B 223 -16.43 -0.31 -9.82
CA VAL B 223 -15.25 -0.67 -10.63
C VAL B 223 -13.92 -0.59 -9.87
N LYS B 224 -12.82 -0.94 -10.55
CA LYS B 224 -11.49 -1.01 -9.91
C LYS B 224 -11.14 0.31 -9.22
N TYR B 225 -10.47 0.20 -8.08
CA TYR B 225 -10.16 1.39 -7.26
C TYR B 225 -9.42 2.46 -8.05
N TYR B 226 -8.63 2.06 -9.03
CA TYR B 226 -7.83 3.02 -9.77
C TYR B 226 -8.45 3.50 -11.08
N ASP B 227 -9.65 3.03 -11.43
CA ASP B 227 -10.20 3.49 -12.69
C ASP B 227 -11.10 4.65 -12.31
N ILE B 228 -10.47 5.81 -12.22
CA ILE B 228 -11.15 7.03 -11.78
C ILE B 228 -11.95 7.57 -12.96
N LYS B 229 -11.45 7.34 -14.17
CA LYS B 229 -12.20 7.73 -15.36
C LYS B 229 -13.54 7.01 -15.48
N ALA B 230 -13.56 5.71 -15.20
CA ALA B 230 -14.83 4.97 -15.23
C ALA B 230 -15.74 5.42 -14.08
N ALA B 232 -15.87 8.34 -12.81
CA ALA B 232 -16.45 9.61 -13.22
C ALA B 232 -17.55 9.42 -14.26
N GLU B 233 -17.33 8.51 -15.19
CA GLU B 233 -18.32 8.23 -16.23
C GLU B 233 -19.61 7.65 -15.61
N ILE B 234 -19.44 6.76 -14.65
CA ILE B 234 -20.57 6.12 -13.97
C ILE B 234 -21.33 7.16 -13.14
N THR B 235 -20.59 8.01 -12.46
CA THR B 235 -21.18 9.06 -11.63
C THR B 235 -22.06 9.99 -12.48
N LYS B 236 -21.58 10.30 -13.68
CA LYS B 236 -22.32 11.17 -14.61
C LYS B 236 -23.50 10.47 -15.27
N PHE B 237 -23.42 9.15 -15.41
CA PHE B 237 -24.48 8.34 -16.03
C PHE B 237 -25.63 8.04 -15.07
N SER B 238 -25.30 7.83 -13.80
CA SER B 238 -26.23 7.26 -12.82
C SER B 238 -27.19 8.27 -12.20
N ASN B 239 -28.47 7.91 -12.10
CA ASN B 239 -29.42 8.69 -11.31
C ASN B 239 -29.35 8.34 -9.82
N ILE B 240 -28.54 7.32 -9.51
CA ILE B 240 -28.33 6.86 -8.13
C ILE B 240 -26.96 7.35 -7.63
N PRO B 241 -26.90 7.91 -6.41
CA PRO B 241 -25.59 8.36 -5.91
C PRO B 241 -24.52 7.27 -6.00
N VAL B 242 -23.33 7.64 -6.45
CA VAL B 242 -22.21 6.70 -6.59
C VAL B 242 -21.24 6.95 -5.44
N VAL B 243 -20.85 5.87 -4.76
CA VAL B 243 -19.98 5.95 -3.59
C VAL B 243 -18.60 5.40 -3.90
N ALA B 244 -17.57 6.17 -3.56
CA ALA B 244 -16.21 5.69 -3.71
C ALA B 244 -15.83 5.08 -2.37
N ASP B 245 -15.38 3.82 -2.40
CA ASP B 245 -14.87 3.20 -1.19
C ASP B 245 -13.37 2.96 -1.38
N GLU B 246 -12.99 1.89 -2.09
CA GLU B 246 -11.57 1.59 -2.24
C GLU B 246 -10.81 2.66 -3.04
N SER B 247 -11.52 3.46 -3.82
CA SER B 247 -10.89 4.59 -4.53
C SER B 247 -10.44 5.69 -3.57
N VAL B 248 -10.95 5.69 -2.34
CA VAL B 248 -10.54 6.72 -1.38
C VAL B 248 -10.12 6.12 -0.05
N PHE B 249 -8.83 6.16 0.22
CA PHE B 249 -8.26 5.80 1.52
C PHE B 249 -8.06 7.07 2.35
N ASP B 250 -7.32 8.03 1.76
CA ASP B 250 -6.86 9.20 2.49
C ASP B 250 -7.30 10.53 1.88
N ALA B 251 -6.82 11.63 2.46
CA ALA B 251 -7.23 12.96 2.00
C ALA B 251 -6.81 13.23 0.56
N LYS B 252 -5.59 12.81 0.18
CA LYS B 252 -5.17 13.05 -1.21
C LYS B 252 -5.98 12.21 -2.21
N ASP B 253 -6.44 11.01 -1.82
CA ASP B 253 -7.35 10.25 -2.68
C ASP B 253 -8.66 11.01 -2.83
N ALA B 254 -9.12 11.59 -1.71
CA ALA B 254 -10.35 12.37 -1.72
C ALA B 254 -10.24 13.55 -2.69
N GLU B 255 -9.11 14.27 -2.61
CA GLU B 255 -8.86 15.37 -3.55
C GLU B 255 -8.97 14.93 -5.01
N ARG B 256 -8.40 13.77 -5.32
CA ARG B 256 -8.46 13.26 -6.68
C ARG B 256 -9.90 12.97 -7.14
N VAL B 257 -10.68 12.25 -6.33
CA VAL B 257 -12.05 11.94 -6.77
C VAL B 257 -12.93 13.18 -6.84
N ILE B 258 -12.66 14.15 -5.98
CA ILE B 258 -13.36 15.41 -6.03
C ILE B 258 -13.02 16.17 -7.32
N ASP B 259 -11.72 16.29 -7.60
CA ASP B 259 -11.21 16.99 -8.78
C ASP B 259 -11.76 16.36 -10.07
N GLU B 260 -11.86 15.03 -10.07
CA GLU B 260 -12.27 14.32 -11.28
C GLU B 260 -13.77 14.00 -11.34
N GLN B 261 -14.54 14.52 -10.38
CA GLN B 261 -15.98 14.25 -10.24
C GLN B 261 -16.29 12.77 -10.31
N ALA B 262 -15.53 11.99 -9.54
CA ALA B 262 -15.58 10.54 -9.65
C ALA B 262 -16.52 9.87 -8.66
N CYS B 263 -17.24 10.65 -7.85
CA CYS B 263 -18.27 10.06 -7.01
C CYS B 263 -19.21 11.14 -6.50
N ASN B 264 -20.33 10.74 -5.91
CA ASN B 264 -21.20 11.67 -5.18
C ASN B 264 -21.02 11.59 -3.68
N ILE B 266 -18.39 9.69 -0.43
CA ILE B 266 -17.20 8.94 -0.04
C ILE B 266 -17.54 8.07 1.16
N ASN B 267 -17.14 6.81 1.12
CA ASN B 267 -17.31 5.91 2.24
C ASN B 267 -16.03 5.98 3.05
N ILE B 268 -16.10 6.64 4.21
CA ILE B 268 -14.94 6.79 5.07
C ILE B 268 -14.81 5.57 5.97
N LYS B 269 -13.63 4.96 6.00
CA LYS B 269 -13.36 3.86 6.91
C LYS B 269 -12.05 4.11 7.64
N LEU B 270 -12.06 3.98 8.96
CA LEU B 270 -10.86 4.25 9.74
C LEU B 270 -9.71 3.29 9.39
N ALA B 271 -10.03 2.08 8.94
CA ALA B 271 -8.98 1.12 8.55
C ALA B 271 -8.25 1.56 7.27
N LYS B 272 -8.94 2.33 6.41
CA LYS B 272 -8.32 2.96 5.24
C LYS B 272 -7.61 4.28 5.57
N THR B 273 -8.21 5.11 6.43
CA THR B 273 -7.64 6.44 6.67
C THR B 273 -6.43 6.40 7.60
N GLY B 274 -6.28 5.29 8.32
CA GLY B 274 -5.25 5.21 9.34
C GLY B 274 -5.67 5.98 10.59
N GLY B 275 -6.98 5.96 10.86
CA GLY B 275 -7.49 6.56 12.09
C GLY B 275 -8.27 7.86 11.92
N ILE B 276 -8.62 8.45 13.05
CA ILE B 276 -9.54 9.60 13.12
C ILE B 276 -8.97 10.89 12.54
N LEU B 277 -7.70 11.17 12.79
CA LEU B 277 -7.14 12.44 12.31
C LEU B 277 -7.25 12.56 10.79
N GLU B 278 -6.86 11.52 10.06
CA GLU B 278 -6.95 11.59 8.61
C GLU B 278 -8.42 11.57 8.13
N ALA B 279 -9.26 10.83 8.83
CA ALA B 279 -10.69 10.79 8.49
C ALA B 279 -11.33 12.18 8.61
N GLN B 280 -10.93 12.95 9.61
CA GLN B 280 -11.42 14.31 9.77
C GLN B 280 -11.01 15.19 8.58
N LYS B 281 -9.80 14.99 8.08
CA LYS B 281 -9.32 15.77 6.93
C LYS B 281 -10.17 15.46 5.70
N ILE B 282 -10.46 14.19 5.48
CA ILE B 282 -11.34 13.82 4.38
C ILE B 282 -12.71 14.51 4.49
N LYS B 283 -13.32 14.45 5.67
CA LYS B 283 -14.66 15.03 5.84
C LYS B 283 -14.64 16.52 5.51
N LYS B 284 -13.57 17.20 5.90
CA LYS B 284 -13.49 18.63 5.66
C LYS B 284 -13.40 18.95 4.16
N LEU B 285 -12.62 18.16 3.42
CA LEU B 285 -12.50 18.35 1.97
C LEU B 285 -13.83 18.09 1.29
N ALA B 286 -14.49 17.02 1.73
CA ALA B 286 -15.78 16.63 1.15
C ALA B 286 -16.84 17.71 1.38
N ASP B 287 -16.90 18.25 2.60
CA ASP B 287 -17.82 19.34 2.90
C ASP B 287 -17.59 20.56 1.98
N SER B 288 -16.32 20.96 1.80
CA SER B 288 -16.01 22.10 0.95
C SER B 288 -16.40 21.86 -0.50
N ALA B 289 -16.29 20.60 -0.92
CA ALA B 289 -16.63 20.22 -2.30
C ALA B 289 -18.11 19.95 -2.51
N GLY B 290 -18.89 19.95 -1.43
CA GLY B 290 -20.30 19.61 -1.54
C GLY B 290 -20.52 18.14 -1.84
N ILE B 291 -19.58 17.31 -1.40
CA ILE B 291 -19.63 15.85 -1.54
C ILE B 291 -20.04 15.26 -0.18
N SER B 292 -21.02 14.37 -0.17
CA SER B 292 -21.46 13.76 1.09
C SER B 292 -20.52 12.63 1.56
N CYS B 293 -20.58 12.30 2.85
CA CYS B 293 -19.83 11.16 3.37
C CYS B 293 -20.74 10.20 4.12
N VAL B 295 -20.08 6.50 6.69
CA VAL B 295 -19.04 5.69 7.30
C VAL B 295 -19.28 4.20 7.06
N GLY B 296 -18.19 3.45 7.02
CA GLY B 296 -18.21 2.03 6.71
C GLY B 296 -17.10 1.38 7.52
N CYS B 297 -16.85 0.11 7.28
CA CYS B 297 -15.86 -0.62 8.05
C CYS B 297 -15.40 -1.82 7.22
N GLU B 300 -15.01 -6.31 10.84
CA GLU B 300 -14.02 -6.06 11.89
C GLU B 300 -14.66 -6.05 13.26
N SER B 301 -13.82 -5.91 14.29
CA SER B 301 -14.29 -6.08 15.66
C SER B 301 -15.19 -4.92 16.05
N PRO B 302 -16.07 -5.16 17.03
CA PRO B 302 -16.97 -4.13 17.54
C PRO B 302 -16.20 -2.89 18.03
N ALA B 303 -14.94 -3.05 18.41
CA ALA B 303 -14.17 -1.91 18.92
C ALA B 303 -13.96 -0.90 17.80
N GLY B 304 -13.67 -1.37 16.59
CA GLY B 304 -13.55 -0.48 15.45
C GLY B 304 -14.88 0.16 15.10
N ILE B 305 -15.96 -0.60 15.27
CA ILE B 305 -17.30 -0.07 15.03
C ILE B 305 -17.64 1.09 15.98
N LEU B 306 -17.37 0.90 17.27
CA LEU B 306 -17.60 1.99 18.23
C LEU B 306 -16.78 3.22 17.87
N ALA B 307 -15.50 3.02 17.55
CA ALA B 307 -14.65 4.15 17.21
C ALA B 307 -15.23 4.88 15.98
N THR B 308 -15.68 4.12 15.00
CA THR B 308 -16.22 4.69 13.78
C THR B 308 -17.54 5.43 14.03
N ALA B 309 -18.43 4.82 14.82
CA ALA B 309 -19.67 5.48 15.22
C ALA B 309 -19.43 6.79 15.99
N SER B 310 -18.42 6.79 16.85
CA SER B 310 -18.08 8.00 17.61
C SER B 310 -17.71 9.13 16.64
N PHE B 311 -16.89 8.81 15.65
CA PHE B 311 -16.49 9.76 14.62
C PHE B 311 -17.69 10.26 13.82
N ALA B 312 -18.50 9.34 13.32
CA ALA B 312 -19.69 9.71 12.54
C ALA B 312 -20.59 10.66 13.33
N LEU B 313 -20.87 10.31 14.58
CA LEU B 313 -21.73 11.13 15.43
C LEU B 313 -21.16 12.55 15.56
N ALA B 314 -19.85 12.65 15.69
CA ALA B 314 -19.18 13.95 15.83
C ALA B 314 -19.20 14.77 14.54
N GLU B 315 -19.22 14.08 13.40
CA GLU B 315 -19.14 14.73 12.09
C GLU B 315 -20.49 14.91 11.40
N ASP B 316 -21.58 14.57 12.09
CA ASP B 316 -22.93 14.63 11.50
C ASP B 316 -23.05 13.74 10.26
N ILE B 317 -22.45 12.56 10.32
CA ILE B 317 -22.63 11.56 9.27
C ILE B 317 -23.70 10.59 9.73
N THR B 318 -24.79 10.51 8.98
CA THR B 318 -25.90 9.62 9.35
C THR B 318 -26.03 8.35 8.53
N VAL B 319 -25.30 8.25 7.42
CA VAL B 319 -25.38 7.05 6.59
C VAL B 319 -24.24 6.15 7.01
N ALA B 320 -24.55 4.91 7.39
CA ALA B 320 -23.56 4.01 7.99
C ALA B 320 -23.74 2.58 7.50
N ASP B 321 -22.63 1.93 7.11
CA ASP B 321 -22.62 0.48 7.01
C ASP B 321 -21.64 0.01 8.10
N LEU B 322 -22.23 -0.21 9.27
CA LEU B 322 -21.58 -0.62 10.52
C LEU B 322 -21.98 -2.00 11.08
N ASP B 323 -22.47 -2.87 10.19
CA ASP B 323 -23.08 -4.17 10.52
C ASP B 323 -22.31 -5.29 11.28
N PRO B 324 -20.96 -5.26 11.31
CA PRO B 324 -20.29 -6.41 11.94
C PRO B 324 -20.84 -6.84 13.33
N LEU B 325 -21.42 -5.92 14.09
CA LEU B 325 -22.06 -6.29 15.36
C LEU B 325 -23.08 -7.41 15.14
N ASP B 326 -23.67 -7.44 13.96
CA ASP B 326 -24.74 -8.42 13.67
C ASP B 326 -24.15 -9.78 13.31
N TRP B 327 -22.84 -9.80 13.06
CA TRP B 327 -22.16 -11.01 12.63
C TRP B 327 -21.45 -11.74 13.78
N VAL B 328 -21.46 -11.14 14.96
CA VAL B 328 -20.70 -11.68 16.08
C VAL B 328 -21.55 -11.78 17.34
N ALA B 329 -21.03 -12.49 18.35
CA ALA B 329 -21.71 -12.66 19.64
C ALA B 329 -21.93 -11.31 20.32
N LYS B 330 -23.16 -11.09 20.80
CA LYS B 330 -23.52 -9.85 21.47
C LYS B 330 -22.60 -9.50 22.65
N ASP B 331 -22.10 -10.52 23.35
CA ASP B 331 -21.33 -10.26 24.57
C ASP B 331 -19.96 -9.66 24.30
N LEU B 332 -19.56 -9.67 23.03
CA LEU B 332 -18.31 -9.04 22.65
C LEU B 332 -18.40 -7.51 22.74
N TYR B 333 -19.55 -6.95 22.37
CA TYR B 333 -19.76 -5.49 22.48
C TYR B 333 -20.66 -4.91 23.59
N SER B 334 -21.34 -5.76 24.36
CA SER B 334 -22.41 -5.24 25.20
C SER B 334 -21.91 -4.36 26.36
N ASP B 335 -20.61 -4.42 26.64
CA ASP B 335 -20.00 -3.55 27.64
C ASP B 335 -20.05 -2.08 27.19
N TYR B 336 -19.73 -1.84 25.92
CA TYR B 336 -19.69 -0.49 25.38
C TYR B 336 -20.76 -0.03 24.36
N ILE B 337 -21.60 -0.95 23.87
CA ILE B 337 -22.59 -0.56 22.86
C ILE B 337 -23.93 -1.22 23.13
N THR B 338 -25.00 -0.46 22.92
CA THR B 338 -26.33 -1.05 22.87
C THR B 338 -26.71 -1.11 21.42
N PHE B 339 -26.95 -2.32 20.93
CA PHE B 339 -27.35 -2.47 19.55
C PHE B 339 -28.80 -2.88 19.63
N ASN B 340 -29.71 -1.93 19.45
CA ASN B 340 -31.11 -2.30 19.29
C ASN B 340 -31.29 -2.19 17.82
N GLU B 341 -31.25 -3.32 17.13
CA GLU B 341 -31.14 -3.28 15.68
C GLU B 341 -32.31 -2.46 15.13
N PRO B 342 -32.05 -1.61 14.11
CA PRO B 342 -30.72 -1.40 13.53
C PRO B 342 -29.96 -0.21 14.11
N ASN B 343 -30.14 0.08 15.39
CA ASN B 343 -29.56 1.29 15.95
C ASN B 343 -28.36 0.95 16.82
N ILE B 344 -27.24 1.58 16.51
CA ILE B 344 -26.05 1.49 17.33
C ILE B 344 -26.10 2.67 18.31
N ILE B 345 -26.22 2.35 19.59
CA ILE B 345 -26.40 3.36 20.63
C ILE B 345 -25.22 3.30 21.57
N LEU B 346 -24.56 4.44 21.76
CA LEU B 346 -23.44 4.51 22.68
C LEU B 346 -23.94 4.49 24.12
N LYS B 347 -23.29 3.71 24.96
CA LYS B 347 -23.67 3.68 26.37
C LYS B 347 -23.24 4.96 27.06
N ASP B 348 -23.93 5.29 28.15
CA ASP B 348 -23.65 6.51 28.88
C ASP B 348 -22.41 6.39 29.76
N ASN B 349 -21.77 7.53 30.00
CA ASN B 349 -20.75 7.68 31.03
C ASN B 349 -19.52 6.79 30.89
N LEU B 350 -19.23 6.34 29.68
CA LEU B 350 -17.97 5.63 29.46
C LEU B 350 -16.85 6.64 29.33
N LYS B 351 -15.67 6.27 29.80
CA LYS B 351 -14.49 7.12 29.67
C LYS B 351 -13.61 6.60 28.54
N GLY B 352 -13.20 7.49 27.63
CA GLY B 352 -12.54 7.05 26.41
C GLY B 352 -13.57 6.32 25.58
N PHE B 353 -13.14 5.26 24.90
CA PHE B 353 -14.07 4.44 24.11
C PHE B 353 -14.92 3.58 25.05
N GLY B 354 -14.26 2.94 26.01
CA GLY B 354 -14.92 2.05 26.94
C GLY B 354 -14.78 0.56 26.62
N PHE B 355 -13.83 0.21 25.75
CA PHE B 355 -13.69 -1.16 25.23
C PHE B 355 -13.50 -2.24 26.28
N ASN B 356 -12.78 -1.91 27.36
CA ASN B 356 -12.53 -2.91 28.40
C ASN B 356 -11.71 -4.12 27.91
N LEU B 357 -10.60 -3.89 27.19
CA LEU B 357 -9.85 -4.98 26.54
C LEU B 357 -8.91 -5.78 27.45
N ALA B 358 -8.31 -5.13 28.44
CA ALA B 358 -7.35 -5.80 29.30
C ALA B 358 -7.99 -6.95 30.07
N GLU B 359 -9.31 -6.90 30.24
CA GLU B 359 -10.04 -7.95 30.96
C GLU B 359 -9.99 -9.28 30.25
N ASN B 360 -10.07 -9.25 28.91
CA ASN B 360 -10.06 -10.45 28.08
C ASN B 360 -8.81 -10.77 27.24
N LEU B 361 -7.80 -9.90 27.28
CA LEU B 361 -6.62 -10.06 26.44
C LEU B 361 -5.35 -9.83 27.23
N TYR B 362 -4.29 -10.54 26.89
CA TYR B 362 -3.04 -10.39 27.58
C TYR B 362 -2.11 -9.54 26.71
N PHE B 363 -1.86 -8.29 27.11
CA PHE B 363 -1.03 -7.41 26.29
C PHE B 363 0.45 -7.60 26.58
N GLN B 364 1.28 -7.60 25.53
CA GLN B 364 2.73 -7.78 25.67
C GLN B 364 3.51 -6.78 24.81
N SER B 365 4.66 -6.33 25.33
CA SER B 365 5.50 -5.38 24.57
C SER B 365 6.46 -6.04 23.58
#